data_8RIM
#
_entry.id   8RIM
#
_cell.length_a   48.140
_cell.length_b   134.550
_cell.length_c   145.080
_cell.angle_alpha   90.00
_cell.angle_beta   90.00
_cell.angle_gamma   90.00
#
_symmetry.space_group_name_H-M   'P 21 21 21'
#
loop_
_entity.id
_entity.type
_entity.pdbx_description
1 polymer 'Arginase-2, mitochondrial'
2 non-polymer 'MANGANESE (II) ION'
3 non-polymer [(5~{S})-5-azanyl-4-[[[(2~{S})-2-azanyl-3-methyl-butanoyl]amino]methyl]-6-oxidanyl-6-oxidanylidene-hexyl]-$l^{3}-oxidanyl-bis(oxidanyl)boron
4 water water
#
_entity_poly.entity_id   1
_entity_poly.type   'polypeptide(L)'
_entity_poly.pdbx_seq_one_letter_code
;MHHHHHHGGGENLYFQSVHSVAVIGAPFSQGQKRKGVEHGPAAIREAGLMKRLSSLGCHLKDFGDLSFTPVPKDDLYNNL
IVNPRSVGLANQELAEVVSRAVSDGYSCVTLGGDHSLAIGTISGHARHCPDLCVVWVDAHADINTPLTTSSGNLHGQPVS
FLLRELQDKVPQLPGFSWIKPCISSASIVYIGLRDVDPPEHFILKNYDIQYFSMRDIDRLGIQKVMERTFDLLIGKRQRP
IHLSFDIDAFDPTLAPATGTPVVGGLTYREGMYIAEEIHNTGLLSALDLVEVNPQLATSEEEAKTTANLAVDVIASSFGQ
TREGGHIVYDQLPTPS
;
_entity_poly.pdbx_strand_id   A,B,C
#
loop_
_chem_comp.id
_chem_comp.type
_chem_comp.name
_chem_comp.formula
A1H04 non-polymer [(5~{S})-5-azanyl-4-[[[(2~{S})-2-azanyl-3-methyl-butanoyl]amino]methyl]-6-oxidanyl-6-oxidanylidene-hexyl]-$l^{3}-oxidanyl-bis(oxidanyl)boron 'C12 H27 B N3 O6 -1'
MN non-polymer 'MANGANESE (II) ION' 'Mn 2'
#
# COMPACT_ATOMS: atom_id res chain seq x y z
N VAL A 18 -26.07 -20.52 -4.71
CA VAL A 18 -26.66 -19.94 -5.92
C VAL A 18 -27.41 -18.63 -5.56
N HIS A 19 -27.21 -17.56 -6.37
CA HIS A 19 -27.85 -16.25 -6.19
C HIS A 19 -28.57 -15.84 -7.45
N SER A 20 -29.79 -15.27 -7.31
CA SER A 20 -30.54 -14.75 -8.45
C SER A 20 -30.06 -13.31 -8.60
N VAL A 21 -29.47 -12.96 -9.75
CA VAL A 21 -28.87 -11.64 -9.93
C VAL A 21 -29.35 -10.98 -11.22
N ALA A 22 -29.87 -9.74 -11.10
CA ALA A 22 -30.31 -8.93 -12.24
C ALA A 22 -29.25 -7.87 -12.51
N VAL A 23 -29.10 -7.46 -13.77
CA VAL A 23 -28.09 -6.49 -14.18
C VAL A 23 -28.77 -5.43 -15.03
N ILE A 24 -28.57 -4.15 -14.68
CA ILE A 24 -29.16 -3.01 -15.38
C ILE A 24 -28.07 -2.03 -15.78
N GLY A 25 -28.06 -1.66 -17.05
CA GLY A 25 -27.11 -0.68 -17.56
C GLY A 25 -27.73 0.70 -17.49
N ALA A 26 -27.07 1.64 -16.83
CA ALA A 26 -27.58 3.00 -16.72
C ALA A 26 -26.63 4.03 -17.36
N PRO A 27 -26.62 4.16 -18.71
CA PRO A 27 -25.71 5.13 -19.36
C PRO A 27 -26.10 6.59 -19.16
N PHE A 28 -25.90 7.12 -17.95
CA PHE A 28 -26.30 8.48 -17.58
C PHE A 28 -25.14 9.36 -17.12
N SER A 29 -25.08 10.60 -17.61
CA SER A 29 -24.00 11.53 -17.28
C SER A 29 -24.44 12.89 -16.75
N GLN A 30 -25.76 13.22 -16.77
CA GLN A 30 -26.27 14.55 -16.39
C GLN A 30 -26.14 14.90 -14.88
N GLY A 31 -25.73 13.94 -14.05
CA GLY A 31 -25.49 14.17 -12.62
C GLY A 31 -24.18 14.90 -12.38
N GLN A 32 -23.37 15.07 -13.46
CA GLN A 32 -22.07 15.76 -13.45
C GLN A 32 -21.73 16.41 -14.81
N LYS A 33 -20.58 17.11 -14.90
CA LYS A 33 -20.16 17.85 -16.11
C LYS A 33 -19.17 17.11 -17.03
N ARG A 34 -18.38 16.15 -16.51
CA ARG A 34 -17.39 15.42 -17.33
C ARG A 34 -18.04 14.31 -18.19
N LYS A 35 -17.94 14.45 -19.52
CA LYS A 35 -18.51 13.47 -20.45
C LYS A 35 -17.72 12.15 -20.53
N GLY A 36 -18.43 11.06 -20.79
CA GLY A 36 -17.87 9.73 -20.93
C GLY A 36 -18.30 8.69 -19.92
N VAL A 37 -18.82 9.13 -18.75
CA VAL A 37 -19.27 8.24 -17.67
C VAL A 37 -20.45 7.37 -18.13
N GLU A 38 -21.15 7.82 -19.20
CA GLU A 38 -22.27 7.14 -19.85
C GLU A 38 -21.81 5.83 -20.51
N HIS A 39 -20.50 5.74 -20.83
CA HIS A 39 -19.88 4.57 -21.45
C HIS A 39 -19.42 3.55 -20.41
N GLY A 40 -19.61 3.90 -19.14
CA GLY A 40 -19.32 3.08 -17.98
C GLY A 40 -19.94 1.70 -18.04
N PRO A 41 -21.28 1.55 -18.27
CA PRO A 41 -21.87 0.19 -18.33
C PRO A 41 -21.29 -0.73 -19.40
N ALA A 42 -20.93 -0.18 -20.57
CA ALA A 42 -20.34 -0.90 -21.71
C ALA A 42 -18.96 -1.46 -21.32
N ALA A 43 -18.07 -0.57 -20.77
CA ALA A 43 -16.71 -0.89 -20.32
C ALA A 43 -16.71 -2.00 -19.30
N ILE A 44 -17.69 -2.03 -18.37
CA ILE A 44 -17.81 -3.07 -17.36
C ILE A 44 -18.24 -4.41 -18.01
N ARG A 45 -19.16 -4.35 -19.00
CA ARG A 45 -19.66 -5.55 -19.71
C ARG A 45 -18.56 -6.18 -20.56
N GLU A 46 -17.80 -5.34 -21.30
CA GLU A 46 -16.65 -5.73 -22.15
C GLU A 46 -15.55 -6.37 -21.30
N ALA A 47 -15.44 -5.96 -20.01
CA ALA A 47 -14.50 -6.50 -19.04
C ALA A 47 -14.91 -7.91 -18.55
N GLY A 48 -16.03 -8.42 -19.06
CA GLY A 48 -16.53 -9.78 -18.81
C GLY A 48 -17.33 -10.03 -17.55
N LEU A 49 -18.19 -9.06 -17.15
CA LEU A 49 -19.04 -9.17 -15.97
C LEU A 49 -19.99 -10.36 -15.97
N MET A 50 -20.79 -10.54 -17.05
CA MET A 50 -21.80 -11.61 -17.12
C MET A 50 -21.16 -12.97 -17.01
N LYS A 51 -20.05 -13.18 -17.77
CA LYS A 51 -19.28 -14.42 -17.74
C LYS A 51 -18.75 -14.72 -16.35
N ARG A 52 -18.22 -13.69 -15.65
CA ARG A 52 -17.70 -13.84 -14.28
C ARG A 52 -18.80 -14.23 -13.30
N LEU A 53 -19.98 -13.58 -13.41
CA LEU A 53 -21.12 -13.90 -12.54
C LEU A 53 -21.66 -15.29 -12.86
N SER A 54 -21.66 -15.68 -14.16
CA SER A 54 -22.07 -17.03 -14.62
C SER A 54 -21.15 -18.08 -13.98
N SER A 55 -19.80 -17.87 -14.05
CA SER A 55 -18.79 -18.79 -13.48
C SER A 55 -18.95 -19.03 -11.99
N LEU A 56 -19.59 -18.08 -11.27
CA LEU A 56 -19.86 -18.17 -9.82
C LEU A 56 -21.17 -18.89 -9.52
N GLY A 57 -21.94 -19.15 -10.57
CA GLY A 57 -23.21 -19.86 -10.48
C GLY A 57 -24.39 -18.96 -10.18
N CYS A 58 -24.40 -17.75 -10.75
CA CYS A 58 -25.49 -16.78 -10.56
C CYS A 58 -26.57 -16.95 -11.63
N HIS A 59 -27.83 -17.17 -11.20
CA HIS A 59 -28.97 -17.24 -12.12
C HIS A 59 -29.19 -15.78 -12.53
N LEU A 60 -28.81 -15.45 -13.77
CA LEU A 60 -28.83 -14.07 -14.26
C LEU A 60 -30.05 -13.65 -15.06
N LYS A 61 -30.29 -12.31 -15.09
CA LYS A 61 -31.31 -11.66 -15.89
C LYS A 61 -30.76 -10.33 -16.37
N ASP A 62 -30.52 -10.22 -17.66
CA ASP A 62 -29.95 -9.01 -18.24
C ASP A 62 -31.06 -8.09 -18.75
N PHE A 63 -31.29 -6.96 -18.03
CA PHE A 63 -32.30 -5.96 -18.41
C PHE A 63 -31.74 -4.98 -19.44
N GLY A 64 -30.49 -5.17 -19.85
CA GLY A 64 -29.81 -4.34 -20.84
C GLY A 64 -29.52 -2.94 -20.36
N ASP A 65 -29.17 -2.05 -21.30
CA ASP A 65 -28.85 -0.64 -21.02
C ASP A 65 -30.04 0.26 -21.35
N LEU A 66 -30.69 0.79 -20.31
CA LEU A 66 -31.86 1.67 -20.43
C LEU A 66 -31.61 2.92 -21.25
N SER A 67 -32.59 3.29 -22.07
CA SER A 67 -32.53 4.51 -22.87
C SER A 67 -33.36 5.53 -22.10
N PHE A 68 -32.68 6.48 -21.45
CA PHE A 68 -33.35 7.49 -20.64
C PHE A 68 -34.03 8.54 -21.50
N THR A 69 -35.30 8.85 -21.18
CA THR A 69 -36.13 9.84 -21.87
C THR A 69 -35.42 11.20 -21.77
N PRO A 70 -34.92 11.76 -22.90
CA PRO A 70 -34.19 13.04 -22.81
C PRO A 70 -35.10 14.23 -22.60
N VAL A 71 -34.60 15.23 -21.85
CA VAL A 71 -35.33 16.48 -21.58
C VAL A 71 -34.72 17.60 -22.44
N PRO A 72 -35.50 18.26 -23.32
CA PRO A 72 -34.93 19.32 -24.16
C PRO A 72 -34.64 20.61 -23.40
N LYS A 73 -35.64 21.09 -22.63
CA LYS A 73 -35.55 22.31 -21.82
C LYS A 73 -35.25 21.92 -20.37
N ASP A 74 -33.98 22.08 -19.96
CA ASP A 74 -33.47 21.75 -18.63
C ASP A 74 -32.20 22.58 -18.33
N ASP A 75 -32.35 23.90 -18.33
CA ASP A 75 -31.23 24.80 -18.09
C ASP A 75 -30.95 24.97 -16.59
N LEU A 76 -29.81 25.62 -16.26
CA LEU A 76 -29.34 25.90 -14.90
C LEU A 76 -30.43 26.50 -14.00
N TYR A 77 -30.66 25.86 -12.86
CA TYR A 77 -31.70 26.22 -11.91
C TYR A 77 -31.15 26.99 -10.72
N ASN A 78 -31.69 28.20 -10.50
CA ASN A 78 -31.29 29.13 -9.42
C ASN A 78 -29.79 29.45 -9.45
N ASN A 79 -29.21 29.53 -10.67
CA ASN A 79 -27.79 29.82 -10.95
C ASN A 79 -26.83 28.81 -10.26
N LEU A 80 -27.36 27.66 -9.83
CA LEU A 80 -26.58 26.64 -9.14
C LEU A 80 -26.78 25.21 -9.68
N ILE A 81 -28.00 24.63 -9.59
CA ILE A 81 -28.31 23.23 -9.96
C ILE A 81 -28.28 22.99 -11.46
N VAL A 82 -27.41 22.06 -11.86
CA VAL A 82 -27.23 21.64 -13.26
C VAL A 82 -28.16 20.47 -13.59
N ASN A 83 -28.80 20.56 -14.77
CA ASN A 83 -29.74 19.58 -15.33
C ASN A 83 -30.71 18.91 -14.31
N PRO A 84 -31.47 19.65 -13.45
CA PRO A 84 -32.34 18.96 -12.47
C PRO A 84 -33.46 18.10 -13.09
N ARG A 85 -34.13 18.60 -14.15
CA ARG A 85 -35.23 17.89 -14.81
C ARG A 85 -34.81 16.52 -15.36
N SER A 86 -33.68 16.45 -16.09
CA SER A 86 -33.12 15.22 -16.66
C SER A 86 -32.71 14.22 -15.57
N VAL A 87 -32.07 14.71 -14.49
CA VAL A 87 -31.61 13.85 -13.39
C VAL A 87 -32.80 13.23 -12.68
N GLY A 88 -33.78 14.06 -12.29
CA GLY A 88 -35.01 13.60 -11.66
C GLY A 88 -35.78 12.62 -12.52
N LEU A 89 -35.82 12.85 -13.85
CA LEU A 89 -36.56 11.98 -14.78
C LEU A 89 -35.88 10.64 -14.97
N ALA A 90 -34.59 10.63 -15.37
CA ALA A 90 -33.81 9.41 -15.57
C ALA A 90 -33.88 8.52 -14.34
N ASN A 91 -33.86 9.14 -13.15
CA ASN A 91 -33.95 8.41 -11.89
C ASN A 91 -35.33 7.82 -11.62
N GLN A 92 -36.40 8.47 -12.11
CA GLN A 92 -37.76 7.95 -11.93
C GLN A 92 -37.89 6.64 -12.74
N GLU A 93 -37.36 6.68 -13.98
CA GLU A 93 -37.34 5.56 -14.93
C GLU A 93 -36.54 4.38 -14.41
N LEU A 94 -35.33 4.67 -13.83
CA LEU A 94 -34.47 3.67 -13.22
C LEU A 94 -35.18 3.05 -12.02
N ALA A 95 -35.83 3.89 -11.17
CA ALA A 95 -36.54 3.38 -9.98
C ALA A 95 -37.57 2.28 -10.30
N GLU A 96 -38.25 2.38 -11.45
CA GLU A 96 -39.24 1.40 -11.89
C GLU A 96 -38.57 0.06 -12.25
N VAL A 97 -37.48 0.10 -13.03
CA VAL A 97 -36.72 -1.09 -13.45
C VAL A 97 -36.13 -1.83 -12.22
N VAL A 98 -35.57 -1.07 -11.24
CA VAL A 98 -35.02 -1.65 -10.01
C VAL A 98 -36.15 -2.33 -9.23
N SER A 99 -37.29 -1.63 -9.10
CA SER A 99 -38.51 -2.12 -8.41
C SER A 99 -38.92 -3.49 -8.97
N ARG A 100 -38.99 -3.60 -10.31
CA ARG A 100 -39.29 -4.82 -11.06
C ARG A 100 -38.32 -5.95 -10.71
N ALA A 101 -36.98 -5.67 -10.79
CA ALA A 101 -35.95 -6.67 -10.49
C ALA A 101 -36.08 -7.20 -9.08
N VAL A 102 -36.20 -6.29 -8.11
CA VAL A 102 -36.32 -6.68 -6.70
C VAL A 102 -37.65 -7.42 -6.43
N SER A 103 -38.78 -6.96 -6.99
CA SER A 103 -40.07 -7.67 -6.81
C SER A 103 -40.04 -9.07 -7.44
N ASP A 104 -39.31 -9.25 -8.57
CA ASP A 104 -39.13 -10.57 -9.20
C ASP A 104 -38.24 -11.55 -8.39
N GLY A 105 -37.60 -11.05 -7.32
CA GLY A 105 -36.74 -11.86 -6.44
C GLY A 105 -35.26 -11.84 -6.73
N TYR A 106 -34.78 -10.87 -7.53
CA TYR A 106 -33.37 -10.76 -7.91
C TYR A 106 -32.57 -9.77 -7.06
N SER A 107 -31.25 -10.04 -6.87
CA SER A 107 -30.32 -9.10 -6.23
C SER A 107 -30.02 -8.13 -7.36
N CYS A 108 -30.31 -6.85 -7.17
CA CYS A 108 -30.19 -5.92 -8.30
C CYS A 108 -28.86 -5.16 -8.43
N VAL A 109 -28.09 -5.44 -9.53
CA VAL A 109 -26.81 -4.82 -9.87
C VAL A 109 -27.05 -3.74 -10.90
N THR A 110 -26.69 -2.48 -10.59
CA THR A 110 -26.85 -1.38 -11.54
C THR A 110 -25.46 -0.84 -11.92
N LEU A 111 -25.22 -0.71 -13.23
CA LEU A 111 -23.96 -0.21 -13.74
C LEU A 111 -24.11 1.26 -14.16
N GLY A 112 -23.36 2.13 -13.51
CA GLY A 112 -23.39 3.55 -13.80
C GLY A 112 -22.40 3.90 -14.89
N GLY A 113 -22.38 5.14 -15.38
CA GLY A 113 -23.26 6.22 -14.96
C GLY A 113 -22.74 6.92 -13.72
N ASP A 114 -23.17 8.17 -13.49
CA ASP A 114 -22.72 8.93 -12.33
C ASP A 114 -23.47 8.51 -11.06
N HIS A 115 -23.06 9.04 -9.90
CA HIS A 115 -23.68 8.63 -8.65
C HIS A 115 -25.08 9.22 -8.35
N SER A 116 -25.60 10.17 -9.19
CA SER A 116 -26.98 10.68 -9.02
C SER A 116 -27.97 9.53 -9.16
N LEU A 117 -27.60 8.48 -9.92
CA LEU A 117 -28.37 7.26 -10.17
C LEU A 117 -28.74 6.48 -8.93
N ALA A 118 -28.05 6.69 -7.80
CA ALA A 118 -28.42 6.02 -6.55
C ALA A 118 -29.79 6.54 -6.03
N ILE A 119 -30.22 7.76 -6.47
CA ILE A 119 -31.56 8.30 -6.14
C ILE A 119 -32.57 7.26 -6.68
N GLY A 120 -32.43 6.89 -7.95
CA GLY A 120 -33.28 5.91 -8.62
C GLY A 120 -33.18 4.49 -8.10
N THR A 121 -31.93 3.99 -7.85
CA THR A 121 -31.75 2.61 -7.38
C THR A 121 -32.21 2.39 -5.96
N ILE A 122 -31.96 3.38 -5.06
CA ILE A 122 -32.37 3.20 -3.65
C ILE A 122 -33.92 3.38 -3.53
N SER A 123 -34.49 4.36 -4.25
CA SER A 123 -35.94 4.62 -4.27
C SER A 123 -36.70 3.37 -4.74
N GLY A 124 -36.24 2.79 -5.85
CA GLY A 124 -36.80 1.56 -6.41
C GLY A 124 -36.71 0.34 -5.51
N HIS A 125 -35.61 0.22 -4.77
CA HIS A 125 -35.34 -0.92 -3.88
C HIS A 125 -36.17 -0.80 -2.60
N ALA A 126 -36.31 0.44 -2.09
CA ALA A 126 -37.10 0.73 -0.88
C ALA A 126 -38.61 0.47 -1.08
N ARG A 127 -39.08 0.45 -2.35
CA ARG A 127 -40.47 0.14 -2.71
C ARG A 127 -40.83 -1.29 -2.32
N HIS A 128 -39.82 -2.13 -2.02
CA HIS A 128 -40.00 -3.52 -1.63
C HIS A 128 -39.37 -3.90 -0.33
N CYS A 129 -38.42 -3.10 0.18
CA CYS A 129 -37.76 -3.40 1.45
C CYS A 129 -37.90 -2.22 2.42
N PRO A 130 -38.87 -2.28 3.35
CA PRO A 130 -39.07 -1.16 4.26
C PRO A 130 -37.91 -0.97 5.24
N ASP A 131 -37.22 -2.07 5.56
CA ASP A 131 -36.10 -2.03 6.46
C ASP A 131 -34.74 -2.03 5.74
N LEU A 132 -34.65 -1.52 4.51
CA LEU A 132 -33.35 -1.59 3.85
C LEU A 132 -32.29 -0.67 4.52
N CYS A 133 -31.03 -1.14 4.50
CA CYS A 133 -29.92 -0.33 4.98
C CYS A 133 -28.94 -0.14 3.84
N VAL A 134 -28.10 0.90 3.93
CA VAL A 134 -27.17 1.26 2.87
C VAL A 134 -25.73 1.24 3.36
N VAL A 135 -24.82 0.65 2.56
CA VAL A 135 -23.40 0.73 2.80
C VAL A 135 -22.94 1.55 1.62
N TRP A 136 -22.48 2.78 1.87
CA TRP A 136 -22.06 3.69 0.81
C TRP A 136 -20.49 3.77 0.79
N VAL A 137 -19.88 3.18 -0.26
CA VAL A 137 -18.43 3.05 -0.40
C VAL A 137 -18.00 4.09 -1.40
N ASP A 138 -17.27 5.10 -0.93
CA ASP A 138 -16.99 6.31 -1.71
C ASP A 138 -15.93 7.18 -1.06
N ALA A 139 -15.19 7.95 -1.87
CA ALA A 139 -14.25 8.98 -1.45
C ALA A 139 -15.02 10.19 -0.92
N HIS A 140 -16.25 10.39 -1.40
CA HIS A 140 -17.13 11.51 -1.06
C HIS A 140 -18.41 11.10 -0.35
N ALA A 141 -19.02 12.03 0.44
CA ALA A 141 -20.28 11.74 1.15
C ALA A 141 -21.56 11.87 0.29
N ASP A 142 -21.50 12.59 -0.84
CA ASP A 142 -22.65 12.75 -1.75
C ASP A 142 -23.98 13.15 -1.03
N ILE A 143 -23.86 13.93 0.07
CA ILE A 143 -24.95 14.34 0.94
C ILE A 143 -25.16 15.88 0.95
N ASN A 144 -24.65 16.59 -0.09
CA ASN A 144 -24.92 18.02 -0.16
C ASN A 144 -26.41 18.16 -0.51
N THR A 145 -27.09 19.15 0.05
CA THR A 145 -28.48 19.38 -0.32
C THR A 145 -28.40 20.30 -1.54
N PRO A 146 -29.49 20.58 -2.30
CA PRO A 146 -29.37 21.56 -3.39
C PRO A 146 -29.08 23.00 -2.93
N LEU A 147 -29.09 23.27 -1.61
CA LEU A 147 -28.77 24.59 -1.03
C LEU A 147 -27.29 24.67 -0.53
N THR A 148 -26.71 23.53 -0.10
CA THR A 148 -25.32 23.49 0.37
C THR A 148 -24.31 23.29 -0.75
N THR A 149 -24.73 22.67 -1.87
CA THR A 149 -23.80 22.38 -2.98
C THR A 149 -23.10 23.62 -3.52
N SER A 150 -21.80 23.48 -3.89
CA SER A 150 -21.00 24.57 -4.49
C SER A 150 -20.86 24.38 -6.00
N SER A 151 -20.79 23.11 -6.45
CA SER A 151 -20.66 22.77 -7.87
C SER A 151 -22.02 22.77 -8.55
N GLY A 152 -23.04 22.36 -7.81
CA GLY A 152 -24.41 22.27 -8.30
C GLY A 152 -24.68 21.00 -9.09
N ASN A 153 -23.71 20.06 -9.09
CA ASN A 153 -23.76 18.75 -9.75
C ASN A 153 -24.48 17.79 -8.81
N LEU A 154 -25.50 17.10 -9.34
CA LEU A 154 -26.39 16.25 -8.56
C LEU A 154 -25.78 14.93 -8.14
N HIS A 155 -24.57 14.58 -8.65
CA HIS A 155 -23.90 13.33 -8.24
C HIS A 155 -23.29 13.50 -6.84
N GLY A 156 -23.22 14.77 -6.38
CA GLY A 156 -22.72 15.13 -5.06
C GLY A 156 -23.82 15.36 -4.05
N GLN A 157 -25.06 15.13 -4.47
CA GLN A 157 -26.28 15.32 -3.69
C GLN A 157 -27.24 14.11 -3.50
N PRO A 158 -27.06 12.90 -4.12
CA PRO A 158 -28.11 11.86 -4.04
C PRO A 158 -28.65 11.51 -2.67
N VAL A 159 -27.80 11.46 -1.64
CA VAL A 159 -28.24 11.07 -0.30
C VAL A 159 -29.15 12.12 0.35
N SER A 160 -29.05 13.42 -0.04
CA SER A 160 -29.92 14.43 0.57
C SER A 160 -31.40 14.20 0.24
N PHE A 161 -31.71 13.65 -0.95
CA PHE A 161 -33.07 13.40 -1.38
C PHE A 161 -33.67 12.13 -0.76
N LEU A 162 -32.80 11.25 -0.20
CA LEU A 162 -33.24 9.95 0.33
C LEU A 162 -33.36 9.91 1.82
N LEU A 163 -32.61 10.76 2.51
CA LEU A 163 -32.60 10.79 3.96
C LEU A 163 -33.82 11.50 4.54
N ARG A 164 -34.54 10.81 5.45
CA ARG A 164 -35.77 11.36 6.07
C ARG A 164 -35.52 12.66 6.85
N GLU A 165 -34.48 12.66 7.73
CA GLU A 165 -34.04 13.76 8.60
C GLU A 165 -33.73 15.06 7.85
N LEU A 166 -33.38 14.96 6.55
CA LEU A 166 -33.06 16.12 5.71
C LEU A 166 -34.21 16.65 4.83
N GLN A 167 -35.43 16.09 4.92
CA GLN A 167 -36.55 16.53 4.08
C GLN A 167 -36.84 18.05 4.21
N ASP A 168 -36.87 18.56 5.46
CA ASP A 168 -37.11 19.97 5.75
C ASP A 168 -35.95 20.89 5.31
N LYS A 169 -34.77 20.33 5.05
CA LYS A 169 -33.61 21.10 4.59
C LYS A 169 -33.45 21.01 3.08
N VAL A 170 -34.35 20.28 2.38
CA VAL A 170 -34.22 20.04 0.94
C VAL A 170 -35.32 20.75 0.13
N PRO A 171 -34.96 21.69 -0.77
CA PRO A 171 -36.00 22.32 -1.60
C PRO A 171 -36.54 21.36 -2.65
N GLN A 172 -37.79 21.57 -3.07
CA GLN A 172 -38.39 20.73 -4.09
C GLN A 172 -37.83 21.22 -5.41
N LEU A 173 -37.08 20.35 -6.09
CA LEU A 173 -36.42 20.65 -7.37
C LEU A 173 -37.32 20.24 -8.54
N PRO A 174 -37.19 20.85 -9.74
CA PRO A 174 -38.02 20.40 -10.88
C PRO A 174 -37.63 19.01 -11.37
N GLY A 175 -38.62 18.14 -11.47
CA GLY A 175 -38.46 16.75 -11.89
C GLY A 175 -38.27 15.81 -10.72
N PHE A 176 -38.21 16.35 -9.48
CA PHE A 176 -37.96 15.59 -8.25
C PHE A 176 -39.19 15.35 -7.35
N SER A 177 -40.41 15.66 -7.83
CA SER A 177 -41.63 15.50 -7.02
C SER A 177 -41.91 14.07 -6.60
N TRP A 178 -41.57 13.11 -7.47
CA TRP A 178 -41.79 11.68 -7.27
C TRP A 178 -40.97 11.02 -6.15
N ILE A 179 -39.84 11.65 -5.70
CA ILE A 179 -39.00 11.06 -4.64
C ILE A 179 -39.61 11.20 -3.27
N LYS A 180 -39.65 10.09 -2.52
CA LYS A 180 -40.10 10.05 -1.14
C LYS A 180 -38.88 9.64 -0.31
N PRO A 181 -38.44 10.42 0.72
CA PRO A 181 -37.28 9.99 1.52
C PRO A 181 -37.55 8.59 2.06
N CYS A 182 -36.59 7.65 1.91
CA CYS A 182 -36.85 6.28 2.32
C CYS A 182 -35.84 5.70 3.30
N ILE A 183 -34.78 6.45 3.67
CA ILE A 183 -33.81 5.91 4.62
C ILE A 183 -33.58 6.86 5.78
N SER A 184 -33.38 6.32 6.96
CA SER A 184 -33.09 7.15 8.11
C SER A 184 -31.55 7.27 8.27
N SER A 185 -31.13 8.32 8.95
CA SER A 185 -29.72 8.65 9.22
C SER A 185 -28.96 7.50 9.90
N ALA A 186 -29.65 6.67 10.70
CA ALA A 186 -29.03 5.53 11.37
C ALA A 186 -28.91 4.29 10.45
N SER A 187 -29.43 4.38 9.21
CA SER A 187 -29.53 3.25 8.27
C SER A 187 -28.57 3.30 7.07
N ILE A 188 -27.64 4.28 7.07
CA ILE A 188 -26.61 4.43 6.04
C ILE A 188 -25.23 4.51 6.72
N VAL A 189 -24.24 3.69 6.27
CA VAL A 189 -22.87 3.77 6.78
C VAL A 189 -21.98 4.03 5.59
N TYR A 190 -21.13 5.05 5.71
CA TYR A 190 -20.14 5.42 4.71
C TYR A 190 -18.81 4.74 4.97
N ILE A 191 -18.08 4.36 3.90
CA ILE A 191 -16.74 3.75 3.98
C ILE A 191 -15.89 4.36 2.90
N GLY A 192 -14.70 4.85 3.28
CA GLY A 192 -13.71 5.39 2.35
C GLY A 192 -13.61 6.90 2.21
N LEU A 193 -14.38 7.66 3.01
CA LEU A 193 -14.42 9.14 2.91
C LEU A 193 -13.07 9.78 3.05
N ARG A 194 -12.75 10.73 2.14
CA ARG A 194 -11.51 11.47 2.20
C ARG A 194 -11.63 12.90 1.62
N ASP A 195 -12.77 13.23 0.97
CA ASP A 195 -13.03 14.53 0.35
C ASP A 195 -14.48 15.00 0.65
N VAL A 196 -14.68 15.54 1.87
CA VAL A 196 -15.97 15.96 2.40
C VAL A 196 -16.06 17.50 2.46
N ASP A 197 -17.14 18.06 1.88
CA ASP A 197 -17.41 19.50 1.91
C ASP A 197 -17.77 19.90 3.33
N PRO A 198 -17.44 21.14 3.80
CA PRO A 198 -17.83 21.52 5.17
C PRO A 198 -19.33 21.29 5.46
N PRO A 199 -20.30 21.62 4.55
CA PRO A 199 -21.71 21.37 4.90
C PRO A 199 -22.02 19.89 5.07
N GLU A 200 -21.31 19.03 4.30
CA GLU A 200 -21.46 17.57 4.36
C GLU A 200 -20.95 17.07 5.69
N HIS A 201 -19.81 17.60 6.17
CA HIS A 201 -19.23 17.24 7.48
C HIS A 201 -20.21 17.56 8.60
N PHE A 202 -20.80 18.77 8.56
CA PHE A 202 -21.84 19.18 9.53
C PHE A 202 -23.02 18.20 9.46
N ILE A 203 -23.53 17.88 8.26
CA ILE A 203 -24.65 16.92 8.12
C ILE A 203 -24.34 15.56 8.79
N LEU A 204 -23.15 15.00 8.52
CA LEU A 204 -22.78 13.69 9.07
C LEU A 204 -22.66 13.78 10.59
N LYS A 205 -22.02 14.82 11.09
CA LYS A 205 -21.84 14.93 12.53
C LYS A 205 -23.14 15.26 13.22
N ASN A 206 -23.86 16.27 12.72
CA ASN A 206 -25.08 16.73 13.33
C ASN A 206 -26.17 15.67 13.44
N TYR A 207 -26.37 14.90 12.35
CA TYR A 207 -27.40 13.88 12.27
C TYR A 207 -26.95 12.47 12.66
N ASP A 208 -25.77 12.35 13.28
CA ASP A 208 -25.18 11.10 13.76
C ASP A 208 -25.08 10.02 12.67
N ILE A 209 -24.73 10.44 11.43
CA ILE A 209 -24.54 9.50 10.32
C ILE A 209 -23.14 8.92 10.47
N GLN A 210 -23.08 7.60 10.72
CA GLN A 210 -21.84 6.89 10.96
C GLN A 210 -21.05 6.68 9.68
N TYR A 211 -19.80 7.04 9.74
CA TYR A 211 -18.86 6.92 8.63
C TYR A 211 -17.50 6.41 9.13
N PHE A 212 -16.78 5.74 8.23
CA PHE A 212 -15.43 5.25 8.45
C PHE A 212 -14.63 5.83 7.33
N SER A 213 -14.02 6.98 7.57
CA SER A 213 -13.20 7.67 6.57
C SER A 213 -11.91 6.91 6.34
N MET A 214 -11.09 7.33 5.36
CA MET A 214 -9.77 6.73 5.17
C MET A 214 -8.94 6.78 6.46
N ARG A 215 -9.09 7.87 7.25
CA ARG A 215 -8.41 8.02 8.54
C ARG A 215 -8.87 6.94 9.52
N ASP A 216 -10.19 6.65 9.57
CA ASP A 216 -10.72 5.57 10.44
C ASP A 216 -10.16 4.20 10.09
N ILE A 217 -10.04 3.90 8.81
CA ILE A 217 -9.47 2.66 8.26
C ILE A 217 -7.96 2.61 8.61
N ASP A 218 -7.23 3.76 8.51
CA ASP A 218 -5.79 3.85 8.86
C ASP A 218 -5.56 3.46 10.31
N ARG A 219 -6.49 3.85 11.19
CA ARG A 219 -6.45 3.54 12.64
C ARG A 219 -6.95 2.15 12.99
N LEU A 220 -8.20 1.84 12.58
CA LEU A 220 -8.89 0.58 12.92
C LEU A 220 -8.51 -0.57 12.04
N GLY A 221 -8.30 -0.30 10.75
CA GLY A 221 -8.10 -1.36 9.80
C GLY A 221 -9.43 -1.81 9.21
N ILE A 222 -9.42 -2.32 7.97
CA ILE A 222 -10.64 -2.72 7.27
C ILE A 222 -11.48 -3.84 7.97
N GLN A 223 -10.85 -4.70 8.77
CA GLN A 223 -11.63 -5.74 9.43
C GLN A 223 -12.60 -5.12 10.41
N LYS A 224 -12.12 -4.34 11.43
CA LYS A 224 -12.94 -3.68 12.45
C LYS A 224 -13.94 -2.72 11.85
N VAL A 225 -13.56 -2.08 10.74
CA VAL A 225 -14.48 -1.18 10.04
C VAL A 225 -15.71 -1.99 9.56
N MET A 226 -15.49 -3.21 8.99
CA MET A 226 -16.59 -4.06 8.50
C MET A 226 -17.42 -4.60 9.65
N GLU A 227 -16.76 -4.99 10.74
CA GLU A 227 -17.44 -5.46 11.95
C GLU A 227 -18.34 -4.40 12.55
N ARG A 228 -17.84 -3.13 12.66
CA ARG A 228 -18.60 -2.03 13.22
C ARG A 228 -19.71 -1.59 12.30
N THR A 229 -19.48 -1.63 10.96
CA THR A 229 -20.55 -1.33 9.99
C THR A 229 -21.75 -2.27 10.17
N PHE A 230 -21.50 -3.59 10.22
CA PHE A 230 -22.58 -4.57 10.38
C PHE A 230 -23.21 -4.49 11.75
N ASP A 231 -22.41 -4.21 12.76
CA ASP A 231 -22.89 -4.01 14.14
C ASP A 231 -23.95 -2.86 14.17
N LEU A 232 -23.64 -1.74 13.50
CA LEU A 232 -24.56 -0.60 13.44
C LEU A 232 -25.83 -0.88 12.62
N LEU A 233 -25.67 -1.56 11.47
CA LEU A 233 -26.80 -1.79 10.58
C LEU A 233 -27.65 -3.02 10.87
N ILE A 234 -27.02 -4.18 11.07
CA ILE A 234 -27.69 -5.48 11.21
C ILE A 234 -27.35 -6.19 12.50
N GLY A 235 -26.89 -5.44 13.49
CA GLY A 235 -26.58 -6.02 14.80
C GLY A 235 -27.80 -6.42 15.60
N LYS A 236 -28.92 -5.68 15.44
CA LYS A 236 -30.15 -5.97 16.17
C LYS A 236 -31.07 -6.95 15.43
N ARG A 237 -31.08 -6.90 14.07
CA ARG A 237 -31.92 -7.76 13.23
C ARG A 237 -31.34 -7.82 11.81
N GLN A 238 -31.77 -8.83 11.02
CA GLN A 238 -31.39 -9.02 9.61
C GLN A 238 -32.14 -8.01 8.75
N ARG A 239 -31.48 -7.45 7.75
CA ARG A 239 -32.06 -6.43 6.90
C ARG A 239 -31.47 -6.54 5.50
N PRO A 240 -32.21 -6.20 4.43
CA PRO A 240 -31.60 -6.22 3.09
C PRO A 240 -30.60 -5.09 3.00
N ILE A 241 -29.45 -5.34 2.33
CA ILE A 241 -28.37 -4.38 2.20
C ILE A 241 -28.31 -3.87 0.79
N HIS A 242 -28.22 -2.56 0.65
CA HIS A 242 -28.00 -1.90 -0.63
C HIS A 242 -26.56 -1.39 -0.55
N LEU A 243 -25.67 -1.90 -1.42
CA LEU A 243 -24.27 -1.49 -1.44
C LEU A 243 -24.15 -0.50 -2.56
N SER A 244 -23.85 0.72 -2.24
CA SER A 244 -23.70 1.72 -3.29
C SER A 244 -22.20 2.02 -3.43
N PHE A 245 -21.59 1.50 -4.49
CA PHE A 245 -20.14 1.57 -4.63
C PHE A 245 -19.67 2.47 -5.72
N ASP A 246 -19.05 3.60 -5.35
CA ASP A 246 -18.46 4.51 -6.34
C ASP A 246 -17.02 4.03 -6.51
N ILE A 247 -16.58 3.80 -7.77
CA ILE A 247 -15.22 3.31 -8.09
C ILE A 247 -14.11 4.26 -7.59
N ASP A 248 -14.44 5.55 -7.36
CA ASP A 248 -13.46 6.51 -6.86
C ASP A 248 -13.16 6.29 -5.39
N ALA A 249 -13.79 5.30 -4.75
CA ALA A 249 -13.46 4.92 -3.37
C ALA A 249 -12.03 4.36 -3.40
N PHE A 250 -11.67 3.60 -4.48
CA PHE A 250 -10.33 3.04 -4.68
C PHE A 250 -9.33 4.14 -5.01
N ASP A 251 -8.04 3.89 -4.74
CA ASP A 251 -7.02 4.88 -5.06
C ASP A 251 -6.99 5.16 -6.59
N PRO A 252 -6.74 6.42 -7.04
CA PRO A 252 -6.70 6.68 -8.49
C PRO A 252 -5.62 5.90 -9.27
N THR A 253 -4.68 5.21 -8.55
CA THR A 253 -3.64 4.38 -9.20
C THR A 253 -4.27 3.07 -9.66
N LEU A 254 -5.30 2.60 -8.93
CA LEU A 254 -6.07 1.38 -9.23
C LEU A 254 -7.27 1.72 -10.10
N ALA A 255 -7.94 2.87 -9.83
CA ALA A 255 -9.12 3.27 -10.60
C ALA A 255 -8.98 4.68 -11.21
N PRO A 256 -8.12 4.85 -12.25
CA PRO A 256 -7.92 6.20 -12.80
C PRO A 256 -9.06 6.78 -13.66
N ALA A 257 -9.83 5.91 -14.33
CA ALA A 257 -10.92 6.32 -15.22
C ALA A 257 -12.19 6.69 -14.43
N THR A 258 -12.15 7.86 -13.74
CA THR A 258 -13.24 8.39 -12.90
C THR A 258 -13.12 9.91 -12.84
N GLY A 259 -14.26 10.61 -12.76
CA GLY A 259 -14.32 12.06 -12.80
C GLY A 259 -13.79 12.84 -11.62
N THR A 260 -13.97 12.32 -10.42
CA THR A 260 -13.52 13.03 -9.22
C THR A 260 -12.50 12.17 -8.43
N PRO A 261 -11.27 11.95 -8.98
CA PRO A 261 -10.32 11.10 -8.25
C PRO A 261 -9.72 11.82 -7.05
N VAL A 262 -9.52 11.07 -5.97
CA VAL A 262 -8.93 11.62 -4.75
C VAL A 262 -7.88 10.62 -4.30
N VAL A 263 -6.62 11.07 -4.22
CA VAL A 263 -5.46 10.29 -3.79
C VAL A 263 -5.66 9.83 -2.34
N GLY A 264 -5.08 8.67 -2.02
CA GLY A 264 -5.15 8.09 -0.68
C GLY A 264 -6.39 7.26 -0.46
N GLY A 265 -6.79 6.53 -1.49
CA GLY A 265 -7.97 5.68 -1.51
C GLY A 265 -7.77 4.26 -1.00
N LEU A 266 -8.82 3.45 -1.15
CA LEU A 266 -8.76 2.03 -0.77
C LEU A 266 -7.77 1.30 -1.64
N THR A 267 -7.09 0.32 -1.08
CA THR A 267 -6.21 -0.54 -1.87
C THR A 267 -7.13 -1.58 -2.54
N TYR A 268 -6.60 -2.43 -3.46
CA TYR A 268 -7.34 -3.49 -4.11
C TYR A 268 -7.84 -4.49 -3.06
N ARG A 269 -6.98 -4.83 -2.11
CA ARG A 269 -7.26 -5.79 -1.04
C ARG A 269 -8.36 -5.34 -0.09
N GLU A 270 -8.36 -4.05 0.30
CA GLU A 270 -9.41 -3.46 1.16
C GLU A 270 -10.76 -3.51 0.47
N GLY A 271 -10.79 -3.14 -0.79
CA GLY A 271 -12.00 -3.17 -1.60
C GLY A 271 -12.60 -4.55 -1.77
N MET A 272 -11.73 -5.58 -1.99
CA MET A 272 -12.18 -6.96 -2.08
C MET A 272 -12.66 -7.35 -0.73
N TYR A 273 -11.98 -6.90 0.31
CA TYR A 273 -12.40 -7.24 1.68
C TYR A 273 -13.82 -6.74 1.99
N ILE A 274 -14.15 -5.49 1.61
CA ILE A 274 -15.50 -4.91 1.83
C ILE A 274 -16.56 -5.81 1.15
N ALA A 275 -16.36 -6.08 -0.17
CA ALA A 275 -17.27 -6.90 -1.00
C ALA A 275 -17.43 -8.30 -0.44
N GLU A 276 -16.31 -8.94 -0.05
CA GLU A 276 -16.31 -10.28 0.55
C GLU A 276 -17.12 -10.29 1.80
N GLU A 277 -16.91 -9.30 2.69
CA GLU A 277 -17.70 -9.23 3.94
C GLU A 277 -19.18 -8.95 3.69
N ILE A 278 -19.49 -8.14 2.68
CA ILE A 278 -20.88 -7.88 2.29
C ILE A 278 -21.52 -9.24 1.83
N HIS A 279 -20.80 -10.04 1.00
CA HIS A 279 -21.25 -11.36 0.55
C HIS A 279 -21.55 -12.26 1.74
N ASN A 280 -20.63 -12.30 2.73
CA ASN A 280 -20.75 -13.20 3.90
C ASN A 280 -21.94 -12.93 4.81
N THR A 281 -22.60 -11.76 4.67
CA THR A 281 -23.80 -11.48 5.49
C THR A 281 -24.97 -12.31 4.94
N GLY A 282 -24.96 -12.54 3.62
CA GLY A 282 -26.03 -13.22 2.88
C GLY A 282 -27.20 -12.27 2.62
N LEU A 283 -27.03 -10.98 3.02
CA LEU A 283 -28.07 -9.96 2.94
C LEU A 283 -27.93 -9.00 1.79
N LEU A 284 -26.93 -9.19 0.94
CA LEU A 284 -26.84 -8.29 -0.21
C LEU A 284 -28.10 -8.37 -1.08
N SER A 285 -28.79 -7.24 -1.26
CA SER A 285 -30.05 -7.19 -2.02
C SER A 285 -30.00 -6.35 -3.27
N ALA A 286 -29.08 -5.38 -3.31
CA ALA A 286 -28.84 -4.50 -4.47
C ALA A 286 -27.42 -3.94 -4.39
N LEU A 287 -26.85 -3.60 -5.55
CA LEU A 287 -25.50 -3.08 -5.62
C LEU A 287 -25.40 -2.09 -6.74
N ASP A 288 -24.86 -0.92 -6.48
CA ASP A 288 -24.62 0.02 -7.60
C ASP A 288 -23.11 0.02 -7.77
N LEU A 289 -22.62 0.11 -9.01
CA LEU A 289 -21.19 0.20 -9.28
C LEU A 289 -21.11 1.34 -10.26
N VAL A 290 -20.76 2.51 -9.77
CA VAL A 290 -20.80 3.75 -10.53
C VAL A 290 -19.48 4.48 -10.70
N GLU A 291 -19.53 5.53 -11.53
CA GLU A 291 -18.51 6.52 -11.82
C GLU A 291 -17.32 5.99 -12.62
N VAL A 292 -17.50 4.89 -13.36
CA VAL A 292 -16.43 4.41 -14.23
C VAL A 292 -16.56 5.22 -15.53
N ASN A 293 -15.58 6.10 -15.80
CA ASN A 293 -15.55 6.91 -17.01
C ASN A 293 -14.31 6.50 -17.82
N PRO A 294 -14.45 5.49 -18.73
CA PRO A 294 -13.27 5.03 -19.50
C PRO A 294 -12.56 6.08 -20.36
N GLN A 295 -13.27 7.15 -20.76
CA GLN A 295 -12.72 8.23 -21.57
C GLN A 295 -11.71 9.10 -20.81
N LEU A 296 -11.82 9.13 -19.46
CA LEU A 296 -10.97 9.97 -18.61
C LEU A 296 -9.58 9.35 -18.26
N ALA A 297 -9.29 8.14 -18.79
CA ALA A 297 -8.00 7.49 -18.61
C ALA A 297 -7.05 7.91 -19.74
N THR A 298 -5.77 8.21 -19.40
CA THR A 298 -4.72 8.65 -20.34
C THR A 298 -4.35 7.62 -21.43
N SER A 299 -4.58 6.33 -21.15
CA SER A 299 -4.30 5.22 -22.06
C SER A 299 -5.46 4.21 -22.05
N GLU A 300 -5.50 3.31 -23.05
CA GLU A 300 -6.54 2.27 -23.15
C GLU A 300 -6.46 1.25 -22.01
N GLU A 301 -5.24 0.88 -21.57
CA GLU A 301 -5.07 -0.10 -20.50
C GLU A 301 -5.51 0.43 -19.13
N GLU A 302 -5.38 1.76 -18.91
CA GLU A 302 -5.81 2.39 -17.65
C GLU A 302 -7.35 2.42 -17.54
N ALA A 303 -8.05 2.57 -18.69
CA ALA A 303 -9.52 2.53 -18.77
C ALA A 303 -9.97 1.11 -18.51
N LYS A 304 -9.19 0.14 -19.05
CA LYS A 304 -9.41 -1.30 -18.91
C LYS A 304 -9.13 -1.77 -17.48
N THR A 305 -8.16 -1.15 -16.76
CA THR A 305 -7.85 -1.52 -15.38
C THR A 305 -9.04 -1.18 -14.49
N THR A 306 -9.64 0.03 -14.67
CA THR A 306 -10.79 0.54 -13.90
C THR A 306 -12.00 -0.39 -14.07
N ALA A 307 -12.29 -0.76 -15.33
CA ALA A 307 -13.36 -1.67 -15.74
C ALA A 307 -13.19 -3.05 -15.12
N ASN A 308 -11.94 -3.58 -15.09
CA ASN A 308 -11.68 -4.92 -14.52
C ASN A 308 -11.81 -4.89 -13.02
N LEU A 309 -11.43 -3.78 -12.41
CA LEU A 309 -11.55 -3.57 -10.97
C LEU A 309 -13.02 -3.56 -10.56
N ALA A 310 -13.88 -2.94 -11.41
CA ALA A 310 -15.34 -2.87 -11.23
C ALA A 310 -15.93 -4.27 -11.23
N VAL A 311 -15.47 -5.15 -12.15
CA VAL A 311 -15.91 -6.56 -12.23
C VAL A 311 -15.51 -7.34 -10.97
N ASP A 312 -14.29 -7.11 -10.47
CA ASP A 312 -13.80 -7.79 -9.27
C ASP A 312 -14.66 -7.46 -8.06
N VAL A 313 -15.11 -6.19 -7.92
CA VAL A 313 -15.99 -5.77 -6.80
C VAL A 313 -17.32 -6.51 -6.91
N ILE A 314 -17.93 -6.49 -8.11
CA ILE A 314 -19.23 -7.15 -8.32
C ILE A 314 -19.09 -8.64 -8.06
N ALA A 315 -18.08 -9.31 -8.65
CA ALA A 315 -17.85 -10.74 -8.45
C ALA A 315 -17.65 -11.09 -7.01
N SER A 316 -16.82 -10.30 -6.26
CA SER A 316 -16.60 -10.56 -4.82
C SER A 316 -17.84 -10.31 -3.98
N SER A 317 -18.69 -9.35 -4.41
CA SER A 317 -19.98 -9.09 -3.73
C SER A 317 -20.93 -10.27 -3.92
N PHE A 318 -20.73 -11.12 -4.99
CA PHE A 318 -21.57 -12.29 -5.21
C PHE A 318 -20.85 -13.65 -5.00
N GLY A 319 -19.72 -13.65 -4.27
CA GLY A 319 -19.08 -14.89 -3.89
C GLY A 319 -17.63 -15.12 -4.22
N GLN A 320 -17.07 -14.41 -5.21
CA GLN A 320 -15.65 -14.57 -5.55
C GLN A 320 -14.80 -14.31 -4.30
N THR A 321 -13.89 -15.22 -3.99
CA THR A 321 -13.05 -15.12 -2.81
C THR A 321 -11.57 -15.22 -3.20
N ARG A 322 -10.67 -14.87 -2.25
CA ARG A 322 -9.21 -14.92 -2.43
C ARG A 322 -8.67 -16.27 -1.95
N GLU A 323 -9.56 -17.20 -1.58
CA GLU A 323 -9.20 -18.52 -1.06
C GLU A 323 -9.70 -19.68 -1.95
N GLY A 324 -10.29 -19.35 -3.10
CA GLY A 324 -10.81 -20.29 -4.09
C GLY A 324 -11.85 -21.29 -3.62
N GLY A 325 -12.73 -20.87 -2.70
CA GLY A 325 -13.77 -21.70 -2.11
C GLY A 325 -15.17 -21.59 -2.69
N HIS A 326 -15.34 -20.87 -3.82
CA HIS A 326 -16.65 -20.68 -4.48
C HIS A 326 -17.10 -21.96 -5.19
N ILE A 327 -16.30 -22.46 -6.16
CA ILE A 327 -16.59 -23.72 -6.87
C ILE A 327 -16.24 -24.85 -5.88
N VAL A 328 -17.26 -25.61 -5.43
CA VAL A 328 -17.10 -26.70 -4.45
C VAL A 328 -16.65 -28.01 -5.11
N TYR A 329 -15.56 -28.59 -4.58
CA TYR A 329 -14.96 -29.86 -4.99
C TYR A 329 -15.48 -30.94 -4.03
N ASP A 330 -15.95 -32.09 -4.56
CA ASP A 330 -16.55 -33.16 -3.76
C ASP A 330 -15.58 -34.30 -3.40
N GLN A 331 -14.84 -34.81 -4.40
CA GLN A 331 -13.90 -35.93 -4.22
C GLN A 331 -12.66 -35.74 -5.06
N LEU A 332 -11.49 -36.06 -4.50
CA LEU A 332 -10.24 -35.99 -5.29
C LEU A 332 -10.15 -37.30 -6.06
N PRO A 333 -9.78 -37.29 -7.37
CA PRO A 333 -9.61 -38.56 -8.10
C PRO A 333 -8.57 -39.45 -7.43
N THR A 334 -8.78 -40.77 -7.46
CA THR A 334 -7.86 -41.74 -6.86
C THR A 334 -7.07 -42.49 -7.95
N PRO A 335 -5.79 -42.88 -7.69
CA PRO A 335 -5.03 -43.61 -8.74
C PRO A 335 -5.47 -45.06 -8.89
N ASN B 12 34.26 -3.43 6.53
CA ASN B 12 33.55 -3.89 7.74
C ASN B 12 34.10 -5.21 8.22
N LEU B 13 34.35 -5.31 9.54
CA LEU B 13 34.99 -6.48 10.13
C LEU B 13 34.17 -7.10 11.22
N TYR B 14 33.12 -6.39 11.68
CA TYR B 14 32.26 -6.84 12.78
C TYR B 14 30.82 -6.88 12.32
N PHE B 15 30.08 -7.91 12.76
CA PHE B 15 28.71 -8.22 12.38
C PHE B 15 27.95 -8.78 13.56
N GLN B 16 26.62 -8.58 13.61
CA GLN B 16 25.83 -9.12 14.72
C GLN B 16 25.78 -10.63 14.66
N SER B 17 25.89 -11.20 13.44
CA SER B 17 25.90 -12.64 13.24
C SER B 17 26.68 -13.00 11.99
N VAL B 18 27.23 -14.22 12.00
CA VAL B 18 28.01 -14.75 10.88
C VAL B 18 27.28 -16.01 10.45
N HIS B 19 26.77 -15.99 9.21
CA HIS B 19 26.02 -17.11 8.65
C HIS B 19 26.83 -17.84 7.60
N SER B 20 26.73 -19.17 7.58
CA SER B 20 27.36 -20.00 6.57
C SER B 20 26.25 -20.28 5.57
N VAL B 21 26.34 -19.66 4.38
CA VAL B 21 25.32 -19.71 3.35
C VAL B 21 25.85 -20.38 2.09
N ALA B 22 25.18 -21.45 1.63
CA ALA B 22 25.48 -22.15 0.38
C ALA B 22 24.52 -21.62 -0.67
N VAL B 23 25.03 -21.26 -1.85
CA VAL B 23 24.18 -20.75 -2.92
C VAL B 23 24.19 -21.77 -4.05
N ILE B 24 22.99 -22.24 -4.45
CA ILE B 24 22.81 -23.20 -5.55
C ILE B 24 21.92 -22.56 -6.59
N GLY B 25 22.42 -22.45 -7.81
CA GLY B 25 21.61 -21.94 -8.92
C GLY B 25 20.90 -23.12 -9.56
N ALA B 26 19.55 -23.17 -9.55
CA ALA B 26 18.80 -24.27 -10.16
C ALA B 26 17.89 -23.75 -11.28
N PRO B 27 18.45 -23.50 -12.49
CA PRO B 27 17.65 -22.97 -13.60
C PRO B 27 16.68 -23.95 -14.29
N PHE B 28 15.69 -24.46 -13.55
CA PHE B 28 14.61 -25.34 -14.03
C PHE B 28 13.68 -24.52 -14.92
N SER B 29 12.96 -25.17 -15.84
CA SER B 29 11.96 -24.54 -16.70
C SER B 29 10.86 -25.54 -17.06
N GLN B 30 11.20 -26.84 -17.02
CA GLN B 30 10.35 -27.98 -17.37
C GLN B 30 9.19 -28.25 -16.37
N GLY B 31 9.10 -27.46 -15.30
CA GLY B 31 8.01 -27.55 -14.33
C GLY B 31 6.79 -26.76 -14.76
N GLN B 32 6.92 -26.01 -15.88
CA GLN B 32 5.89 -25.16 -16.50
C GLN B 32 6.17 -24.92 -18.01
N LYS B 33 5.36 -24.05 -18.67
CA LYS B 33 5.46 -23.82 -20.12
C LYS B 33 5.97 -22.44 -20.53
N ARG B 34 5.98 -21.46 -19.61
CA ARG B 34 6.48 -20.12 -19.92
C ARG B 34 8.02 -20.15 -19.94
N LYS B 35 8.61 -19.76 -21.09
CA LYS B 35 10.07 -19.77 -21.24
C LYS B 35 10.71 -18.50 -20.67
N GLY B 36 11.84 -18.67 -19.96
CA GLY B 36 12.60 -17.57 -19.38
C GLY B 36 12.91 -17.67 -17.89
N VAL B 37 12.19 -18.53 -17.16
CA VAL B 37 12.37 -18.75 -15.72
C VAL B 37 13.75 -19.42 -15.40
N GLU B 38 14.35 -20.09 -16.41
CA GLU B 38 15.67 -20.73 -16.32
C GLU B 38 16.78 -19.65 -16.22
N HIS B 39 16.46 -18.40 -16.61
CA HIS B 39 17.34 -17.23 -16.54
C HIS B 39 17.18 -16.50 -15.19
N GLY B 40 16.35 -17.06 -14.32
CA GLY B 40 16.07 -16.55 -12.98
C GLY B 40 17.28 -16.51 -12.07
N PRO B 41 18.08 -17.63 -11.93
CA PRO B 41 19.27 -17.57 -11.05
C PRO B 41 20.29 -16.54 -11.51
N ALA B 42 20.45 -16.38 -12.82
CA ALA B 42 21.38 -15.42 -13.40
C ALA B 42 20.96 -13.99 -13.06
N ALA B 43 19.65 -13.70 -13.11
CA ALA B 43 19.07 -12.39 -12.79
C ALA B 43 19.30 -11.98 -11.32
N ILE B 44 19.16 -12.92 -10.37
CA ILE B 44 19.35 -12.67 -8.94
C ILE B 44 20.84 -12.43 -8.64
N ARG B 45 21.73 -13.17 -9.35
CA ARG B 45 23.19 -13.03 -9.28
C ARG B 45 23.61 -11.65 -9.80
N GLU B 46 23.09 -11.24 -11.00
CA GLU B 46 23.37 -9.94 -11.62
C GLU B 46 22.99 -8.76 -10.72
N ALA B 47 21.87 -8.90 -9.97
CA ALA B 47 21.37 -7.89 -9.03
C ALA B 47 22.28 -7.70 -7.77
N GLY B 48 23.37 -8.48 -7.68
CA GLY B 48 24.38 -8.41 -6.62
C GLY B 48 24.16 -9.27 -5.41
N LEU B 49 23.59 -10.47 -5.59
CA LEU B 49 23.31 -11.38 -4.47
C LEU B 49 24.54 -11.75 -3.64
N MET B 50 25.61 -12.24 -4.30
CA MET B 50 26.84 -12.67 -3.61
C MET B 50 27.51 -11.55 -2.83
N LYS B 51 27.61 -10.35 -3.44
CA LYS B 51 28.17 -9.16 -2.82
C LYS B 51 27.37 -8.78 -1.58
N ARG B 52 26.01 -8.82 -1.68
CA ARG B 52 25.14 -8.44 -0.58
C ARG B 52 25.28 -9.37 0.59
N LEU B 53 25.37 -10.69 0.33
CA LEU B 53 25.53 -11.70 1.40
C LEU B 53 26.89 -11.55 2.09
N SER B 54 27.94 -11.22 1.34
CA SER B 54 29.31 -10.96 1.84
C SER B 54 29.27 -9.73 2.73
N SER B 55 28.59 -8.64 2.26
CA SER B 55 28.43 -7.39 3.03
C SER B 55 27.73 -7.60 4.37
N LEU B 56 27.07 -8.76 4.54
CA LEU B 56 26.39 -9.17 5.76
C LEU B 56 27.26 -10.11 6.62
N GLY B 57 28.50 -10.29 6.20
CA GLY B 57 29.48 -11.11 6.91
C GLY B 57 29.23 -12.60 6.80
N CYS B 58 28.58 -13.02 5.69
CA CYS B 58 28.30 -14.43 5.44
C CYS B 58 29.55 -15.13 4.93
N HIS B 59 29.77 -16.36 5.40
CA HIS B 59 30.78 -17.27 4.89
C HIS B 59 30.05 -17.92 3.69
N LEU B 60 30.42 -17.57 2.46
CA LEU B 60 29.75 -18.06 1.25
C LEU B 60 30.38 -19.29 0.63
N LYS B 61 29.54 -20.25 0.20
CA LYS B 61 29.98 -21.42 -0.57
C LYS B 61 29.09 -21.47 -1.79
N ASP B 62 29.58 -20.87 -2.87
CA ASP B 62 28.83 -20.84 -4.10
C ASP B 62 28.98 -22.18 -4.85
N PHE B 63 27.91 -22.99 -4.86
CA PHE B 63 27.84 -24.28 -5.55
C PHE B 63 27.62 -24.10 -7.06
N GLY B 64 27.57 -22.85 -7.51
CA GLY B 64 27.37 -22.47 -8.91
C GLY B 64 26.01 -22.80 -9.50
N ASP B 65 25.85 -22.52 -10.81
CA ASP B 65 24.61 -22.78 -11.54
C ASP B 65 24.61 -24.21 -12.10
N LEU B 66 23.66 -25.04 -11.60
CA LEU B 66 23.53 -26.45 -11.99
C LEU B 66 23.08 -26.65 -13.43
N SER B 67 23.65 -27.68 -14.08
CA SER B 67 23.36 -28.04 -15.46
C SER B 67 22.24 -29.07 -15.51
N PHE B 68 21.18 -28.77 -16.29
CA PHE B 68 20.02 -29.65 -16.46
C PHE B 68 19.86 -30.10 -17.91
N THR B 69 19.97 -31.42 -18.13
CA THR B 69 19.81 -32.05 -19.45
C THR B 69 18.46 -32.80 -19.49
N PRO B 70 17.59 -32.50 -20.48
CA PRO B 70 16.28 -33.19 -20.53
C PRO B 70 16.38 -34.61 -21.06
N VAL B 71 15.58 -35.53 -20.45
CA VAL B 71 15.46 -36.94 -20.82
C VAL B 71 14.92 -36.98 -22.29
N PRO B 72 15.48 -37.81 -23.22
CA PRO B 72 15.01 -37.77 -24.62
C PRO B 72 13.58 -38.25 -24.82
N LYS B 73 13.23 -39.43 -24.27
CA LYS B 73 11.90 -40.01 -24.37
C LYS B 73 11.14 -39.82 -23.05
N ASP B 74 10.80 -38.55 -22.76
CA ASP B 74 10.06 -38.17 -21.56
C ASP B 74 8.61 -37.85 -21.93
N ASP B 75 7.80 -38.91 -22.09
CA ASP B 75 6.39 -38.80 -22.45
C ASP B 75 5.53 -38.29 -21.30
N LEU B 76 4.46 -37.56 -21.63
CA LEU B 76 3.52 -36.97 -20.69
C LEU B 76 2.65 -38.01 -19.99
N TYR B 77 2.63 -37.97 -18.63
CA TYR B 77 1.84 -38.89 -17.83
C TYR B 77 0.36 -38.52 -17.93
N ASN B 78 -0.50 -39.52 -18.26
CA ASN B 78 -1.96 -39.38 -18.43
C ASN B 78 -2.35 -38.26 -19.41
N ASN B 79 -1.51 -38.06 -20.46
CA ASN B 79 -1.64 -37.06 -21.53
C ASN B 79 -1.84 -35.63 -21.00
N LEU B 80 -1.33 -35.35 -19.79
CA LEU B 80 -1.46 -34.05 -19.13
C LEU B 80 -0.13 -33.55 -18.53
N ILE B 81 0.42 -34.30 -17.54
CA ILE B 81 1.67 -33.99 -16.81
C ILE B 81 2.86 -33.89 -17.75
N VAL B 82 3.28 -32.65 -18.05
CA VAL B 82 4.40 -32.42 -18.95
C VAL B 82 5.77 -32.66 -18.24
N ASN B 83 6.77 -33.20 -19.00
CA ASN B 83 8.16 -33.52 -18.60
C ASN B 83 8.27 -34.22 -17.20
N PRO B 84 7.55 -35.32 -16.90
CA PRO B 84 7.64 -35.91 -15.55
C PRO B 84 9.03 -36.43 -15.15
N ARG B 85 9.72 -37.19 -16.04
CA ARG B 85 11.04 -37.79 -15.75
C ARG B 85 12.14 -36.72 -15.58
N SER B 86 12.18 -35.72 -16.48
CA SER B 86 13.15 -34.60 -16.44
C SER B 86 13.02 -33.80 -15.13
N VAL B 87 11.77 -33.55 -14.67
CA VAL B 87 11.47 -32.83 -13.44
C VAL B 87 11.86 -33.67 -12.20
N GLY B 88 11.48 -34.95 -12.19
CA GLY B 88 11.79 -35.87 -11.09
C GLY B 88 13.26 -36.15 -10.88
N LEU B 89 14.01 -36.30 -11.99
CA LEU B 89 15.46 -36.57 -11.98
C LEU B 89 16.27 -35.34 -11.58
N ALA B 90 15.91 -34.15 -12.12
CA ALA B 90 16.59 -32.89 -11.80
C ALA B 90 16.43 -32.59 -10.31
N ASN B 91 15.25 -32.91 -9.76
CA ASN B 91 14.98 -32.78 -8.34
C ASN B 91 15.71 -33.85 -7.54
N GLN B 92 16.02 -35.02 -8.15
CA GLN B 92 16.78 -36.08 -7.47
C GLN B 92 18.21 -35.61 -7.31
N GLU B 93 18.75 -34.98 -8.35
CA GLU B 93 20.11 -34.42 -8.35
C GLU B 93 20.18 -33.19 -7.41
N LEU B 94 19.19 -32.27 -7.52
CA LEU B 94 19.11 -31.08 -6.67
C LEU B 94 19.06 -31.50 -5.21
N ALA B 95 18.29 -32.57 -4.88
CA ALA B 95 18.16 -33.09 -3.52
C ALA B 95 19.49 -33.56 -2.92
N GLU B 96 20.45 -34.00 -3.76
CA GLU B 96 21.75 -34.48 -3.31
C GLU B 96 22.62 -33.31 -2.87
N VAL B 97 22.70 -32.25 -3.73
CA VAL B 97 23.47 -31.02 -3.50
C VAL B 97 22.99 -30.30 -2.23
N VAL B 98 21.65 -30.25 -2.03
CA VAL B 98 21.02 -29.59 -0.87
C VAL B 98 21.33 -30.38 0.40
N SER B 99 21.23 -31.73 0.35
CA SER B 99 21.54 -32.63 1.48
C SER B 99 23.02 -32.46 1.89
N ARG B 100 23.92 -32.38 0.88
CA ARG B 100 25.37 -32.17 1.03
C ARG B 100 25.65 -30.83 1.75
N ALA B 101 25.04 -29.73 1.24
CA ALA B 101 25.19 -28.38 1.79
C ALA B 101 24.72 -28.31 3.24
N VAL B 102 23.56 -28.91 3.55
CA VAL B 102 22.99 -28.89 4.90
C VAL B 102 23.83 -29.77 5.84
N SER B 103 24.27 -30.96 5.37
CA SER B 103 25.13 -31.87 6.15
C SER B 103 26.47 -31.21 6.51
N ASP B 104 26.98 -30.34 5.61
CA ASP B 104 28.23 -29.58 5.78
C ASP B 104 28.06 -28.38 6.75
N GLY B 105 26.83 -28.11 7.18
CA GLY B 105 26.49 -27.02 8.08
C GLY B 105 26.01 -25.73 7.44
N TYR B 106 25.79 -25.69 6.11
CA TYR B 106 25.36 -24.47 5.42
C TYR B 106 23.83 -24.29 5.36
N SER B 107 23.38 -23.01 5.32
CA SER B 107 21.99 -22.62 5.12
C SER B 107 21.91 -22.58 3.61
N CYS B 108 21.13 -23.50 3.04
CA CYS B 108 21.13 -23.61 1.59
C CYS B 108 20.14 -22.73 0.90
N VAL B 109 20.64 -21.85 0.03
CA VAL B 109 19.84 -20.95 -0.77
C VAL B 109 19.79 -21.49 -2.18
N THR B 110 18.58 -21.82 -2.65
CA THR B 110 18.43 -22.29 -4.02
C THR B 110 17.71 -21.23 -4.85
N LEU B 111 18.34 -20.80 -5.95
CA LEU B 111 17.72 -19.82 -6.83
C LEU B 111 17.00 -20.55 -7.97
N GLY B 112 15.75 -20.18 -8.20
CA GLY B 112 14.93 -20.73 -9.28
C GLY B 112 14.94 -19.89 -10.54
N GLY B 113 14.38 -20.38 -11.65
CA GLY B 113 13.73 -21.70 -11.76
C GLY B 113 12.30 -21.71 -11.25
N ASP B 114 11.50 -22.66 -11.74
CA ASP B 114 10.10 -22.78 -11.33
C ASP B 114 9.98 -23.53 -10.02
N HIS B 115 8.81 -23.48 -9.38
CA HIS B 115 8.59 -24.06 -8.05
C HIS B 115 8.61 -25.59 -7.94
N SER B 116 8.71 -26.34 -9.06
CA SER B 116 8.85 -27.81 -8.94
C SER B 116 10.17 -28.16 -8.22
N LEU B 117 11.19 -27.24 -8.30
CA LEU B 117 12.49 -27.42 -7.64
C LEU B 117 12.41 -27.61 -6.10
N ALA B 118 11.26 -27.30 -5.49
CA ALA B 118 11.08 -27.47 -4.04
C ALA B 118 10.89 -28.93 -3.68
N ILE B 119 10.58 -29.79 -4.65
CA ILE B 119 10.48 -31.25 -4.42
C ILE B 119 11.90 -31.66 -4.02
N GLY B 120 12.88 -31.23 -4.80
CA GLY B 120 14.29 -31.51 -4.56
C GLY B 120 14.88 -30.87 -3.31
N THR B 121 14.69 -29.53 -3.16
CA THR B 121 15.24 -28.80 -2.00
C THR B 121 14.67 -29.29 -0.71
N ILE B 122 13.34 -29.55 -0.65
CA ILE B 122 12.74 -30.02 0.59
C ILE B 122 13.14 -31.48 0.86
N SER B 123 13.13 -32.35 -0.16
CA SER B 123 13.52 -33.75 0.01
C SER B 123 14.99 -33.87 0.46
N GLY B 124 15.89 -33.13 -0.18
CA GLY B 124 17.29 -33.07 0.18
C GLY B 124 17.52 -32.58 1.60
N HIS B 125 16.81 -31.51 1.99
CA HIS B 125 16.87 -30.90 3.30
C HIS B 125 16.44 -31.89 4.40
N ALA B 126 15.27 -32.55 4.21
CA ALA B 126 14.69 -33.54 5.13
C ALA B 126 15.60 -34.73 5.46
N ARG B 127 16.57 -35.04 4.58
CA ARG B 127 17.55 -36.14 4.78
C ARG B 127 18.44 -35.86 5.99
N HIS B 128 19.15 -34.71 6.00
C HIS B 128 19.07 -33.65 8.91
N CYS B 129 17.88 -33.29 8.39
CA CYS B 129 16.91 -32.49 9.13
C CYS B 129 15.48 -33.08 8.99
N PRO B 130 15.20 -34.29 9.56
CA PRO B 130 13.84 -34.88 9.42
C PRO B 130 12.72 -34.10 10.11
N ASP B 131 13.04 -33.35 11.17
CA ASP B 131 12.09 -32.57 11.96
C ASP B 131 11.94 -31.14 11.44
N LEU B 132 12.26 -30.92 10.15
CA LEU B 132 12.15 -29.61 9.53
C LEU B 132 10.67 -29.16 9.40
N CYS B 133 10.45 -27.87 9.10
CA CYS B 133 9.13 -27.30 8.89
C CYS B 133 9.23 -26.36 7.73
N VAL B 134 8.14 -26.18 6.97
CA VAL B 134 8.18 -25.38 5.75
C VAL B 134 7.32 -24.13 5.85
N VAL B 135 7.84 -22.98 5.39
CA VAL B 135 7.05 -21.77 5.35
C VAL B 135 6.99 -21.48 3.88
N TRP B 136 5.79 -21.59 3.31
CA TRP B 136 5.52 -21.50 1.88
C TRP B 136 4.84 -20.16 1.51
N VAL B 137 5.62 -19.20 1.05
CA VAL B 137 5.18 -17.84 0.71
C VAL B 137 4.91 -17.82 -0.75
N ASP B 138 3.64 -17.64 -1.12
CA ASP B 138 3.19 -17.77 -2.51
C ASP B 138 1.75 -17.25 -2.66
N ALA B 139 1.42 -16.73 -3.86
CA ALA B 139 0.04 -16.37 -4.26
C ALA B 139 -0.78 -17.67 -4.44
N HIS B 140 -0.09 -18.83 -4.68
CA HIS B 140 -0.66 -20.16 -4.97
C HIS B 140 -0.27 -21.23 -3.95
N ALA B 141 -1.11 -22.26 -3.78
CA ALA B 141 -0.84 -23.33 -2.81
C ALA B 141 0.02 -24.46 -3.38
N ASP B 142 0.18 -24.49 -4.73
CA ASP B 142 0.96 -25.49 -5.47
C ASP B 142 0.76 -26.91 -4.87
N ILE B 143 -0.49 -27.27 -4.53
CA ILE B 143 -0.76 -28.54 -3.85
C ILE B 143 -1.71 -29.46 -4.70
N ASN B 144 -1.79 -29.21 -6.01
CA ASN B 144 -2.56 -30.07 -6.89
C ASN B 144 -1.88 -31.43 -6.96
N THR B 145 -2.64 -32.52 -7.07
CA THR B 145 -2.05 -33.85 -7.21
C THR B 145 -1.88 -34.04 -8.73
N PRO B 146 -1.10 -35.05 -9.24
CA PRO B 146 -1.05 -35.24 -10.70
C PRO B 146 -2.43 -35.49 -11.33
N LEU B 147 -3.41 -35.96 -10.53
CA LEU B 147 -4.77 -36.19 -10.98
C LEU B 147 -5.68 -34.95 -10.91
N THR B 148 -5.44 -33.99 -9.96
CA THR B 148 -6.31 -32.82 -9.81
C THR B 148 -5.91 -31.63 -10.68
N THR B 149 -4.64 -31.53 -11.09
CA THR B 149 -4.13 -30.45 -11.94
C THR B 149 -4.87 -30.33 -13.29
N SER B 150 -4.97 -29.10 -13.81
CA SER B 150 -5.64 -28.80 -15.08
C SER B 150 -4.66 -28.36 -16.15
N SER B 151 -3.50 -27.85 -15.72
CA SER B 151 -2.44 -27.37 -16.61
C SER B 151 -1.43 -28.48 -16.91
N GLY B 152 -1.30 -29.43 -15.99
CA GLY B 152 -0.29 -30.48 -16.08
C GLY B 152 1.09 -30.05 -15.56
N ASN B 153 1.35 -28.71 -15.49
CA ASN B 153 2.59 -28.09 -15.03
C ASN B 153 2.89 -28.51 -13.61
N LEU B 154 4.07 -29.10 -13.40
CA LEU B 154 4.48 -29.64 -12.11
C LEU B 154 4.83 -28.57 -11.06
N HIS B 155 4.97 -27.30 -11.46
CA HIS B 155 5.22 -26.22 -10.47
C HIS B 155 3.98 -25.94 -9.59
N GLY B 156 2.82 -26.43 -10.04
CA GLY B 156 1.53 -26.30 -9.37
C GLY B 156 1.21 -27.50 -8.53
N GLN B 157 2.15 -28.46 -8.43
CA GLN B 157 1.95 -29.72 -7.70
C GLN B 157 3.03 -30.11 -6.64
N PRO B 158 4.15 -29.34 -6.37
CA PRO B 158 5.21 -29.88 -5.51
C PRO B 158 4.82 -30.35 -4.12
N VAL B 159 3.93 -29.65 -3.44
CA VAL B 159 3.54 -30.00 -2.07
C VAL B 159 2.84 -31.39 -2.02
N SER B 160 2.10 -31.79 -3.08
CA SER B 160 1.42 -33.08 -3.12
C SER B 160 2.41 -34.26 -2.95
N PHE B 161 3.61 -34.15 -3.57
CA PHE B 161 4.67 -35.16 -3.50
C PHE B 161 5.35 -35.20 -2.13
N LEU B 162 5.29 -34.11 -1.36
CA LEU B 162 5.99 -34.06 -0.07
C LEU B 162 5.14 -34.40 1.13
N LEU B 163 3.80 -34.18 1.04
CA LEU B 163 2.91 -34.44 2.18
C LEU B 163 2.66 -35.92 2.42
N ARG B 164 2.88 -36.38 3.68
CA ARG B 164 2.67 -37.77 4.09
C ARG B 164 1.21 -38.21 3.98
N GLU B 165 0.29 -37.31 4.42
CA GLU B 165 -1.16 -37.56 4.43
C GLU B 165 -1.80 -37.62 3.03
N LEU B 166 -1.12 -37.11 1.99
CA LEU B 166 -1.64 -37.09 0.62
C LEU B 166 -1.22 -38.30 -0.23
N GLN B 167 -0.25 -39.11 0.26
CA GLN B 167 0.34 -40.26 -0.43
C GLN B 167 -0.66 -41.16 -1.19
N ASP B 168 -1.84 -41.44 -0.59
CA ASP B 168 -2.91 -42.26 -1.18
C ASP B 168 -3.63 -41.61 -2.39
N LYS B 169 -3.48 -40.28 -2.58
CA LYS B 169 -4.08 -39.54 -3.71
C LYS B 169 -3.04 -39.21 -4.76
N VAL B 170 -1.79 -39.60 -4.50
CA VAL B 170 -0.68 -39.30 -5.40
C VAL B 170 -0.22 -40.57 -6.15
N PRO B 171 -0.42 -40.61 -7.50
CA PRO B 171 0.07 -41.76 -8.28
C PRO B 171 1.58 -41.70 -8.45
N GLN B 172 2.24 -42.87 -8.57
CA GLN B 172 3.69 -42.93 -8.75
C GLN B 172 4.06 -42.57 -10.19
N LEU B 173 4.48 -41.32 -10.37
CA LEU B 173 4.89 -40.74 -11.64
C LEU B 173 6.26 -41.26 -12.07
N PRO B 174 6.57 -41.27 -13.40
CA PRO B 174 7.91 -41.74 -13.82
C PRO B 174 9.02 -40.74 -13.46
N GLY B 175 10.04 -41.24 -12.76
CA GLY B 175 11.18 -40.48 -12.29
C GLY B 175 10.98 -39.88 -10.90
N PHE B 176 9.91 -40.31 -10.19
CA PHE B 176 9.51 -39.83 -8.87
C PHE B 176 9.49 -40.95 -7.80
N SER B 177 9.99 -42.17 -8.12
CA SER B 177 9.99 -43.30 -7.18
C SER B 177 10.92 -43.11 -5.99
N TRP B 178 11.98 -42.30 -6.18
CA TRP B 178 12.99 -41.97 -5.18
C TRP B 178 12.45 -41.12 -4.01
N ILE B 179 11.41 -40.29 -4.27
CA ILE B 179 10.81 -39.38 -3.30
C ILE B 179 10.03 -40.11 -2.22
N LYS B 180 10.38 -39.82 -0.97
CA LYS B 180 9.70 -40.35 0.20
C LYS B 180 9.00 -39.17 0.91
N PRO B 181 7.66 -39.23 1.14
CA PRO B 181 6.98 -38.11 1.83
C PRO B 181 7.66 -37.80 3.16
N CYS B 182 8.14 -36.56 3.30
CA CYS B 182 8.95 -36.11 4.43
C CYS B 182 8.26 -35.16 5.40
N ILE B 183 7.26 -34.41 4.93
CA ILE B 183 6.58 -33.43 5.79
C ILE B 183 5.11 -33.77 6.02
N SER B 184 4.66 -33.66 7.28
CA SER B 184 3.25 -33.89 7.61
C SER B 184 2.47 -32.58 7.39
N SER B 185 1.13 -32.67 7.33
CA SER B 185 0.21 -31.55 7.10
C SER B 185 0.43 -30.39 8.08
N ALA B 186 0.70 -30.72 9.36
CA ALA B 186 0.95 -29.80 10.49
C ALA B 186 2.31 -29.09 10.45
N SER B 187 3.20 -29.43 9.48
CA SER B 187 4.57 -28.92 9.38
C SER B 187 4.82 -27.98 8.18
N ILE B 188 3.75 -27.53 7.52
CA ILE B 188 3.82 -26.58 6.42
C ILE B 188 2.78 -25.46 6.63
N VAL B 189 3.21 -24.19 6.54
CA VAL B 189 2.31 -23.05 6.69
C VAL B 189 2.47 -22.19 5.45
N TYR B 190 1.36 -21.83 4.78
CA TYR B 190 1.35 -20.97 3.60
C TYR B 190 1.15 -19.51 3.99
N ILE B 191 1.65 -18.54 3.17
CA ILE B 191 1.46 -17.11 3.40
C ILE B 191 1.32 -16.44 2.05
N GLY B 192 0.25 -15.69 1.87
CA GLY B 192 0.03 -14.87 0.67
C GLY B 192 -0.98 -15.36 -0.34
N LEU B 193 -1.63 -16.47 -0.04
CA LEU B 193 -2.59 -17.16 -0.94
C LEU B 193 -3.69 -16.27 -1.45
N ARG B 194 -3.86 -16.24 -2.78
CA ARG B 194 -4.93 -15.45 -3.39
C ARG B 194 -5.45 -16.04 -4.72
N ASP B 195 -4.91 -17.18 -5.18
CA ASP B 195 -5.31 -17.84 -6.44
C ASP B 195 -5.21 -19.35 -6.23
N VAL B 196 -6.21 -19.88 -5.50
CA VAL B 196 -6.32 -21.28 -5.10
C VAL B 196 -7.33 -22.00 -6.01
N ASP B 197 -6.93 -23.16 -6.59
CA ASP B 197 -7.80 -23.96 -7.45
C ASP B 197 -8.80 -24.69 -6.57
N PRO B 198 -10.04 -24.94 -7.04
CA PRO B 198 -11.01 -25.66 -6.20
C PRO B 198 -10.47 -26.98 -5.62
N PRO B 199 -9.72 -27.87 -6.35
CA PRO B 199 -9.17 -29.08 -5.67
C PRO B 199 -8.13 -28.76 -4.58
N GLU B 200 -7.35 -27.68 -4.77
CA GLU B 200 -6.35 -27.22 -3.78
C GLU B 200 -7.06 -26.75 -2.51
N HIS B 201 -8.16 -25.97 -2.66
CA HIS B 201 -8.98 -25.52 -1.53
C HIS B 201 -9.49 -26.72 -0.73
N PHE B 202 -9.97 -27.78 -1.43
CA PHE B 202 -10.46 -29.03 -0.82
C PHE B 202 -9.35 -29.70 0.02
N ILE B 203 -8.15 -29.84 -0.57
CA ILE B 203 -6.98 -30.43 0.11
C ILE B 203 -6.63 -29.64 1.38
N LEU B 204 -6.47 -28.31 1.27
CA LEU B 204 -6.12 -27.45 2.41
C LEU B 204 -7.10 -27.61 3.55
N LYS B 205 -8.42 -27.58 3.23
CA LYS B 205 -9.50 -27.71 4.21
C LYS B 205 -9.59 -29.10 4.82
N ASN B 206 -9.64 -30.14 3.97
CA ASN B 206 -9.79 -31.51 4.46
C ASN B 206 -8.53 -32.07 5.14
N TYR B 207 -7.32 -31.65 4.73
CA TYR B 207 -6.10 -32.15 5.38
C TYR B 207 -5.61 -31.24 6.53
N ASP B 208 -6.37 -30.16 6.84
CA ASP B 208 -6.09 -29.21 7.92
C ASP B 208 -4.70 -28.56 7.76
N ILE B 209 -4.40 -28.14 6.53
CA ILE B 209 -3.15 -27.47 6.24
C ILE B 209 -3.40 -25.98 6.57
N GLN B 210 -2.68 -25.46 7.56
CA GLN B 210 -2.84 -24.06 8.00
C GLN B 210 -2.26 -23.09 7.00
N TYR B 211 -3.03 -22.06 6.60
CA TYR B 211 -2.60 -21.02 5.69
C TYR B 211 -3.02 -19.61 6.14
N PHE B 212 -2.34 -18.60 5.61
CA PHE B 212 -2.64 -17.20 5.85
C PHE B 212 -2.74 -16.57 4.47
N SER B 213 -3.97 -16.52 3.92
CA SER B 213 -4.24 -15.94 2.59
C SER B 213 -4.06 -14.42 2.62
N MET B 214 -4.16 -13.75 1.47
CA MET B 214 -4.14 -12.29 1.48
C MET B 214 -5.25 -11.74 2.42
N ARG B 215 -6.38 -12.49 2.55
CA ARG B 215 -7.50 -12.08 3.39
C ARG B 215 -7.13 -12.15 4.85
N ASP B 216 -6.45 -13.22 5.27
CA ASP B 216 -5.99 -13.35 6.66
C ASP B 216 -4.96 -12.26 6.99
N ILE B 217 -4.12 -11.87 6.03
CA ILE B 217 -3.13 -10.81 6.22
C ILE B 217 -3.88 -9.45 6.38
N ASP B 218 -4.97 -9.23 5.59
CA ASP B 218 -5.85 -8.06 5.64
C ASP B 218 -6.45 -7.83 7.01
N ARG B 219 -6.82 -8.92 7.69
CA ARG B 219 -7.45 -8.98 9.01
C ARG B 219 -6.44 -8.90 10.16
N LEU B 220 -5.54 -9.88 10.24
CA LEU B 220 -4.57 -10.01 11.30
C LEU B 220 -3.41 -9.02 11.22
N GLY B 221 -2.93 -8.72 10.01
CA GLY B 221 -1.73 -7.91 9.85
C GLY B 221 -0.53 -8.84 9.79
N ILE B 222 0.51 -8.48 9.02
CA ILE B 222 1.69 -9.34 8.85
C ILE B 222 2.39 -9.73 10.17
N GLN B 223 2.41 -8.84 11.19
CA GLN B 223 3.04 -9.17 12.47
C GLN B 223 2.39 -10.37 13.12
N LYS B 224 1.05 -10.38 13.22
CA LYS B 224 0.31 -11.50 13.82
C LYS B 224 0.44 -12.79 13.00
N VAL B 225 0.49 -12.66 11.68
CA VAL B 225 0.65 -13.76 10.73
C VAL B 225 1.97 -14.49 10.99
N MET B 226 3.09 -13.76 11.15
CA MET B 226 4.40 -14.36 11.48
C MET B 226 4.39 -14.99 12.88
N GLU B 227 3.82 -14.30 13.89
CA GLU B 227 3.72 -14.84 15.27
C GLU B 227 2.95 -16.17 15.28
N ARG B 228 1.77 -16.21 14.62
CA ARG B 228 0.93 -17.42 14.52
C ARG B 228 1.60 -18.51 13.68
N THR B 229 2.32 -18.13 12.60
CA THR B 229 3.06 -19.07 11.74
C THR B 229 4.11 -19.85 12.56
N PHE B 230 4.87 -19.13 13.40
CA PHE B 230 5.92 -19.71 14.25
C PHE B 230 5.34 -20.50 15.41
N ASP B 231 4.15 -20.11 15.91
CA ASP B 231 3.45 -20.82 16.98
C ASP B 231 3.07 -22.23 16.49
N LEU B 232 2.58 -22.32 15.23
CA LEU B 232 2.14 -23.55 14.59
C LEU B 232 3.30 -24.48 14.24
N LEU B 233 4.43 -23.88 13.75
CA LEU B 233 5.59 -24.63 13.29
C LEU B 233 6.66 -24.89 14.33
N ILE B 234 7.23 -23.84 14.92
CA ILE B 234 8.33 -23.99 15.88
C ILE B 234 7.92 -23.68 17.34
N GLY B 235 6.62 -23.67 17.61
CA GLY B 235 6.07 -23.41 18.94
C GLY B 235 6.39 -24.46 19.98
N LYS B 236 6.24 -25.76 19.62
CA LYS B 236 6.49 -26.89 20.52
C LYS B 236 7.98 -27.11 20.74
N ARG B 237 8.77 -27.02 19.66
CA ARG B 237 10.21 -27.22 19.72
C ARG B 237 10.94 -26.45 18.61
N GLN B 238 12.24 -26.17 18.85
CA GLN B 238 13.15 -25.52 17.90
C GLN B 238 13.37 -26.51 16.77
N ARG B 239 13.04 -26.11 15.54
CA ARG B 239 13.13 -26.98 14.37
C ARG B 239 13.75 -26.24 13.22
N PRO B 240 14.57 -26.89 12.34
CA PRO B 240 15.09 -26.17 11.15
C PRO B 240 13.94 -25.69 10.28
N ILE B 241 14.11 -24.52 9.63
CA ILE B 241 13.08 -23.89 8.79
C ILE B 241 13.44 -23.94 7.34
N HIS B 242 12.47 -24.33 6.48
CA HIS B 242 12.69 -24.28 5.04
C HIS B 242 11.75 -23.20 4.55
N LEU B 243 12.29 -22.12 3.98
CA LEU B 243 11.46 -21.05 3.47
C LEU B 243 11.45 -21.19 1.99
N SER B 244 10.28 -21.51 1.40
CA SER B 244 10.14 -21.63 -0.05
C SER B 244 9.36 -20.40 -0.50
N PHE B 245 10.05 -19.49 -1.14
CA PHE B 245 9.47 -18.22 -1.48
C PHE B 245 9.27 -18.02 -2.94
N ASP B 246 8.01 -18.04 -3.41
CA ASP B 246 7.69 -17.78 -4.80
C ASP B 246 7.56 -16.27 -4.91
N ILE B 247 8.24 -15.67 -5.89
CA ILE B 247 8.21 -14.21 -6.03
C ILE B 247 6.81 -13.66 -6.38
N ASP B 248 5.93 -14.51 -6.96
CA ASP B 248 4.54 -14.14 -7.32
C ASP B 248 3.69 -13.86 -6.07
N ALA B 249 4.21 -14.15 -4.86
CA ALA B 249 3.50 -13.82 -3.63
C ALA B 249 3.38 -12.27 -3.51
N PHE B 250 4.32 -11.52 -4.13
CA PHE B 250 4.35 -10.05 -4.16
C PHE B 250 3.45 -9.52 -5.25
N ASP B 251 2.93 -8.30 -5.06
CA ASP B 251 2.05 -7.66 -6.01
C ASP B 251 2.76 -7.50 -7.33
N PRO B 252 2.07 -7.79 -8.46
CA PRO B 252 2.70 -7.58 -9.78
C PRO B 252 3.30 -6.19 -10.02
N THR B 253 2.90 -5.18 -9.23
CA THR B 253 3.46 -3.82 -9.39
C THR B 253 4.92 -3.82 -8.92
N LEU B 254 5.22 -4.65 -7.92
CA LEU B 254 6.54 -4.81 -7.30
C LEU B 254 7.35 -5.94 -7.95
N ALA B 255 6.69 -7.05 -8.32
CA ALA B 255 7.36 -8.20 -8.92
C ALA B 255 6.70 -8.63 -10.25
N PRO B 256 6.79 -7.80 -11.32
CA PRO B 256 6.14 -8.19 -12.59
C PRO B 256 6.77 -9.34 -13.37
N ALA B 257 8.11 -9.52 -13.25
CA ALA B 257 8.87 -10.55 -13.95
C ALA B 257 8.61 -11.93 -13.38
N THR B 258 7.40 -12.44 -13.59
CA THR B 258 7.00 -13.74 -13.07
C THR B 258 5.95 -14.39 -13.98
N GLY B 259 5.87 -15.72 -13.95
CA GLY B 259 4.96 -16.53 -14.77
C GLY B 259 3.46 -16.43 -14.55
N THR B 260 3.02 -16.58 -13.28
CA THR B 260 1.60 -16.53 -12.90
C THR B 260 1.30 -15.34 -11.94
N PRO B 261 1.35 -14.06 -12.42
CA PRO B 261 1.08 -12.93 -11.51
C PRO B 261 -0.40 -12.84 -11.10
N VAL B 262 -0.65 -12.49 -9.82
CA VAL B 262 -2.00 -12.33 -9.27
C VAL B 262 -2.07 -10.99 -8.53
N VAL B 263 -2.98 -10.10 -8.95
CA VAL B 263 -3.24 -8.77 -8.37
C VAL B 263 -3.57 -8.91 -6.87
N GLY B 264 -3.24 -7.88 -6.10
CA GLY B 264 -3.53 -7.82 -4.66
C GLY B 264 -2.62 -8.64 -3.78
N GLY B 265 -1.32 -8.54 -4.04
CA GLY B 265 -0.30 -9.28 -3.31
C GLY B 265 0.34 -8.58 -2.13
N LEU B 266 1.42 -9.21 -1.60
CA LEU B 266 2.24 -8.69 -0.52
C LEU B 266 2.84 -7.36 -0.90
N THR B 267 2.87 -6.41 0.03
CA THR B 267 3.57 -5.15 -0.26
C THR B 267 5.08 -5.46 -0.04
N TYR B 268 5.97 -4.57 -0.51
CA TYR B 268 7.41 -4.70 -0.30
C TYR B 268 7.69 -4.86 1.17
N ARG B 269 7.05 -4.04 2.01
CA ARG B 269 7.23 -4.04 3.47
C ARG B 269 6.82 -5.33 4.13
N GLU B 270 5.72 -5.94 3.66
CA GLU B 270 5.25 -7.22 4.18
C GLU B 270 6.24 -8.34 3.90
N GLY B 271 6.74 -8.40 2.68
CA GLY B 271 7.71 -9.40 2.25
C GLY B 271 9.02 -9.32 3.00
N MET B 272 9.50 -8.09 3.26
CA MET B 272 10.71 -7.82 4.04
C MET B 272 10.46 -8.21 5.46
N TYR B 273 9.24 -7.94 5.97
CA TYR B 273 8.86 -8.32 7.33
C TYR B 273 8.90 -9.85 7.55
N ILE B 274 8.35 -10.63 6.61
CA ILE B 274 8.38 -12.11 6.66
C ILE B 274 9.85 -12.59 6.77
N ALA B 275 10.70 -12.14 5.83
CA ALA B 275 12.12 -12.49 5.75
C ALA B 275 12.88 -12.13 7.01
N GLU B 276 12.64 -10.92 7.58
CA GLU B 276 13.28 -10.49 8.85
C GLU B 276 12.80 -11.38 9.98
N GLU B 277 11.53 -11.73 10.03
CA GLU B 277 11.04 -12.60 11.12
C GLU B 277 11.63 -14.01 11.07
N ILE B 278 11.84 -14.52 9.84
CA ILE B 278 12.48 -15.79 9.54
C ILE B 278 13.95 -15.69 10.08
N HIS B 279 14.67 -14.61 9.75
CA HIS B 279 16.02 -14.40 10.28
C HIS B 279 16.04 -14.37 11.83
N ASN B 280 15.11 -13.64 12.46
CA ASN B 280 15.10 -13.49 13.92
C ASN B 280 14.90 -14.79 14.69
N THR B 281 14.39 -15.85 14.05
CA THR B 281 14.22 -17.16 14.72
C THR B 281 15.58 -17.83 14.92
N GLY B 282 16.55 -17.52 14.05
CA GLY B 282 17.86 -18.15 14.06
C GLY B 282 17.76 -19.61 13.71
N LEU B 283 16.71 -19.96 12.91
CA LEU B 283 16.42 -21.34 12.50
C LEU B 283 16.39 -21.54 10.99
N LEU B 284 16.59 -20.48 10.17
CA LEU B 284 16.59 -20.71 8.73
C LEU B 284 17.68 -21.70 8.36
N SER B 285 17.30 -22.80 7.68
CA SER B 285 18.22 -23.87 7.29
C SER B 285 18.32 -24.05 5.78
N ALA B 286 17.30 -23.63 5.03
CA ALA B 286 17.25 -23.67 3.57
C ALA B 286 16.22 -22.67 3.09
N LEU B 287 16.46 -22.04 1.93
CA LEU B 287 15.57 -21.05 1.36
C LEU B 287 15.50 -21.24 -0.14
N ASP B 288 14.29 -21.21 -0.72
CA ASP B 288 14.13 -21.23 -2.18
C ASP B 288 13.64 -19.87 -2.63
N LEU B 289 14.20 -19.32 -3.68
CA LEU B 289 13.73 -18.08 -4.24
C LEU B 289 13.48 -18.43 -5.67
N VAL B 290 12.21 -18.75 -5.97
CA VAL B 290 11.74 -19.23 -7.27
C VAL B 290 10.83 -18.26 -8.04
N GLU B 291 10.66 -18.59 -9.32
CA GLU B 291 9.73 -18.04 -10.31
C GLU B 291 10.06 -16.65 -10.81
N VAL B 292 11.33 -16.22 -10.67
CA VAL B 292 11.74 -14.96 -11.27
C VAL B 292 11.98 -15.31 -12.74
N ASN B 293 11.26 -14.62 -13.65
CA ASN B 293 11.35 -14.83 -15.08
C ASN B 293 11.56 -13.46 -15.69
N PRO B 294 12.82 -13.07 -16.00
CA PRO B 294 13.09 -11.71 -16.52
C PRO B 294 12.48 -11.35 -17.86
N GLN B 295 12.15 -12.37 -18.67
CA GLN B 295 11.57 -12.19 -20.00
C GLN B 295 10.14 -11.70 -19.94
N LEU B 296 9.40 -12.10 -18.90
CA LEU B 296 7.99 -11.76 -18.73
C LEU B 296 7.75 -10.33 -18.25
N ALA B 297 8.83 -9.57 -18.00
CA ALA B 297 8.73 -8.15 -17.62
C ALA B 297 8.67 -7.34 -18.89
N THR B 298 7.87 -6.26 -18.92
CA THR B 298 7.74 -5.43 -20.13
C THR B 298 8.99 -4.58 -20.38
N SER B 299 9.76 -4.28 -19.32
CA SER B 299 10.97 -3.48 -19.41
C SER B 299 12.12 -4.03 -18.57
N GLU B 300 13.34 -3.47 -18.78
CA GLU B 300 14.56 -3.83 -18.04
C GLU B 300 14.41 -3.47 -16.57
N GLU B 301 13.86 -2.27 -16.27
CA GLU B 301 13.65 -1.82 -14.89
C GLU B 301 12.69 -2.74 -14.15
N GLU B 302 11.66 -3.26 -14.84
CA GLU B 302 10.69 -4.20 -14.28
C GLU B 302 11.34 -5.53 -13.92
N ALA B 303 12.29 -6.00 -14.77
CA ALA B 303 13.04 -7.25 -14.57
C ALA B 303 14.07 -7.04 -13.45
N LYS B 304 14.75 -5.88 -13.45
CA LYS B 304 15.74 -5.51 -12.44
C LYS B 304 15.08 -5.30 -11.08
N THR B 305 13.89 -4.70 -11.03
CA THR B 305 13.12 -4.48 -9.79
C THR B 305 12.77 -5.83 -9.16
N THR B 306 12.36 -6.82 -9.98
CA THR B 306 12.02 -8.16 -9.50
C THR B 306 13.26 -8.86 -8.95
N ALA B 307 14.35 -8.82 -9.74
CA ALA B 307 15.65 -9.40 -9.34
C ALA B 307 16.16 -8.72 -8.05
N ASN B 308 16.09 -7.38 -7.96
CA ASN B 308 16.49 -6.60 -6.77
C ASN B 308 15.67 -6.99 -5.56
N LEU B 309 14.34 -7.18 -5.77
CA LEU B 309 13.42 -7.58 -4.72
C LEU B 309 13.78 -8.95 -4.24
N ALA B 310 14.13 -9.88 -5.16
CA ALA B 310 14.55 -11.25 -4.81
C ALA B 310 15.80 -11.18 -3.90
N VAL B 311 16.80 -10.33 -4.24
CA VAL B 311 18.01 -10.10 -3.43
C VAL B 311 17.61 -9.60 -2.04
N ASP B 312 16.68 -8.62 -1.97
CA ASP B 312 16.19 -8.07 -0.69
C ASP B 312 15.59 -9.14 0.21
N VAL B 313 14.82 -10.08 -0.35
CA VAL B 313 14.24 -11.20 0.41
C VAL B 313 15.34 -12.08 0.99
N ILE B 314 16.29 -12.52 0.13
CA ILE B 314 17.41 -13.39 0.54
C ILE B 314 18.29 -12.66 1.59
N ALA B 315 18.66 -11.40 1.32
CA ALA B 315 19.46 -10.59 2.28
C ALA B 315 18.78 -10.43 3.63
N SER B 316 17.44 -10.20 3.64
CA SER B 316 16.68 -10.00 4.89
C SER B 316 16.55 -11.27 5.65
N SER B 317 16.61 -12.41 4.94
CA SER B 317 16.57 -13.73 5.57
C SER B 317 17.88 -14.03 6.30
N PHE B 318 18.96 -13.32 5.92
CA PHE B 318 20.30 -13.45 6.52
C PHE B 318 20.81 -12.16 7.26
N GLY B 319 19.88 -11.35 7.76
CA GLY B 319 20.23 -10.20 8.58
C GLY B 319 19.98 -8.81 8.08
N GLN B 320 19.85 -8.59 6.76
CA GLN B 320 19.58 -7.21 6.33
C GLN B 320 18.25 -6.71 6.93
N THR B 321 18.25 -5.50 7.52
CA THR B 321 17.03 -4.96 8.13
C THR B 321 16.80 -3.51 7.70
N ARG B 322 15.60 -2.98 8.00
CA ARG B 322 15.22 -1.61 7.67
C ARG B 322 16.01 -0.63 8.55
N GLU B 323 16.20 -0.98 9.83
CA GLU B 323 16.90 -0.21 10.87
C GLU B 323 18.43 -0.25 10.77
N GLY B 324 18.96 -1.20 10.00
CA GLY B 324 20.39 -1.42 9.94
C GLY B 324 20.77 -2.22 11.18
N GLY B 325 22.01 -2.16 11.59
CA GLY B 325 22.38 -2.92 12.78
C GLY B 325 22.89 -4.32 12.51
N HIS B 326 22.95 -4.73 11.22
CA HIS B 326 23.53 -6.01 10.81
C HIS B 326 25.07 -5.91 10.95
N ILE B 327 25.62 -4.77 10.47
CA ILE B 327 27.03 -4.41 10.60
C ILE B 327 27.20 -3.76 11.97
N VAL B 328 28.14 -4.27 12.79
CA VAL B 328 28.49 -3.78 14.13
C VAL B 328 29.53 -2.65 13.99
N TYR B 329 29.25 -1.48 14.57
CA TYR B 329 30.14 -0.32 14.56
C TYR B 329 30.79 -0.28 15.94
N ASP B 330 32.12 -0.17 15.94
CA ASP B 330 32.97 -0.15 17.14
C ASP B 330 32.77 1.10 18.02
N GLN B 331 33.35 2.23 17.58
CA GLN B 331 33.34 3.53 18.24
C GLN B 331 33.26 4.59 17.16
N LEU B 332 32.82 5.79 17.52
CA LEU B 332 32.78 6.91 16.58
C LEU B 332 34.17 7.53 16.47
N PRO B 333 34.64 7.95 15.27
CA PRO B 333 35.94 8.63 15.21
C PRO B 333 35.88 9.96 15.96
N THR B 334 36.92 10.27 16.75
CA THR B 334 37.03 11.52 17.51
C THR B 334 37.81 12.58 16.68
N PRO B 335 37.46 13.90 16.75
CA PRO B 335 38.15 14.90 15.93
C PRO B 335 39.62 15.14 16.29
N VAL C 18 -7.35 29.95 13.80
CA VAL C 18 -6.55 30.71 12.83
C VAL C 18 -5.04 30.51 13.12
N HIS C 19 -4.25 30.17 12.07
CA HIS C 19 -2.80 29.95 12.19
C HIS C 19 -2.02 31.00 11.41
N SER C 20 -1.06 31.67 12.06
CA SER C 20 -0.20 32.64 11.37
C SER C 20 0.97 31.80 10.81
N VAL C 21 1.12 31.75 9.48
CA VAL C 21 2.09 30.89 8.80
C VAL C 21 3.02 31.64 7.84
N ALA C 22 4.34 31.59 8.11
CA ALA C 22 5.37 32.21 7.27
C ALA C 22 5.97 31.14 6.35
N VAL C 23 6.00 31.43 5.04
CA VAL C 23 6.52 30.55 4.01
C VAL C 23 7.86 31.12 3.51
N ILE C 24 8.95 30.39 3.83
CA ILE C 24 10.32 30.75 3.45
C ILE C 24 10.82 29.79 2.39
N GLY C 25 11.09 30.31 1.20
CA GLY C 25 11.64 29.51 0.12
C GLY C 25 13.15 29.49 0.28
N ALA C 26 13.73 28.33 0.64
CA ALA C 26 15.17 28.18 0.79
C ALA C 26 15.68 27.32 -0.38
N PRO C 27 16.04 27.93 -1.54
CA PRO C 27 16.47 27.14 -2.69
C PRO C 27 17.90 26.57 -2.58
N PHE C 28 18.15 25.77 -1.53
CA PHE C 28 19.42 25.09 -1.26
C PHE C 28 19.69 24.01 -2.29
N SER C 29 20.97 23.64 -2.45
CA SER C 29 21.40 22.61 -3.39
C SER C 29 22.76 22.07 -2.98
N GLN C 30 23.56 22.90 -2.27
CA GLN C 30 24.94 22.64 -1.85
C GLN C 30 25.13 21.56 -0.75
N GLY C 31 24.03 21.07 -0.18
CA GLY C 31 24.11 20.02 0.84
C GLY C 31 24.28 18.64 0.24
N GLN C 32 24.22 18.55 -1.11
CA GLN C 32 24.34 17.32 -1.91
C GLN C 32 24.74 17.64 -3.38
N LYS C 33 24.92 16.60 -4.21
CA LYS C 33 25.44 16.74 -5.57
C LYS C 33 24.39 16.73 -6.70
N ARG C 34 23.20 16.12 -6.47
CA ARG C 34 22.13 16.06 -7.48
C ARG C 34 21.48 17.44 -7.65
N LYS C 35 21.74 18.09 -8.79
CA LYS C 35 21.23 19.42 -9.11
C LYS C 35 19.74 19.39 -9.47
N GLY C 36 19.01 20.45 -9.07
CA GLY C 36 17.59 20.60 -9.34
C GLY C 36 16.71 20.85 -8.11
N VAL C 37 17.19 20.45 -6.92
CA VAL C 37 16.49 20.58 -5.63
C VAL C 37 16.24 22.07 -5.24
N GLU C 38 17.00 23.00 -5.85
CA GLU C 38 16.89 24.44 -5.65
C GLU C 38 15.56 24.96 -6.22
N HIS C 39 15.00 24.24 -7.21
CA HIS C 39 13.74 24.57 -7.88
C HIS C 39 12.53 23.93 -7.17
N GLY C 40 12.76 23.44 -5.96
CA GLY C 40 11.77 22.82 -5.10
C GLY C 40 10.77 23.82 -4.54
N PRO C 41 11.20 24.95 -3.89
CA PRO C 41 10.22 25.93 -3.39
C PRO C 41 9.26 26.44 -4.46
N ALA C 42 9.74 26.65 -5.69
CA ALA C 42 8.96 27.09 -6.84
C ALA C 42 7.91 26.03 -7.23
N ALA C 43 8.30 24.74 -7.25
CA ALA C 43 7.44 23.61 -7.61
C ALA C 43 6.31 23.44 -6.59
N ILE C 44 6.62 23.63 -5.30
CA ILE C 44 5.64 23.53 -4.22
C ILE C 44 4.62 24.71 -4.32
N ARG C 45 5.12 25.94 -4.60
CA ARG C 45 4.27 27.13 -4.77
C ARG C 45 3.35 27.00 -5.98
N GLU C 46 3.90 26.51 -7.12
CA GLU C 46 3.19 26.29 -8.37
C GLU C 46 2.12 25.19 -8.24
N ALA C 47 2.26 24.32 -7.22
CA ALA C 47 1.32 23.25 -6.95
C ALA C 47 0.13 23.77 -6.10
N GLY C 48 0.07 25.09 -5.93
CA GLY C 48 -0.97 25.82 -5.22
C GLY C 48 -0.91 25.85 -3.71
N LEU C 49 0.31 25.90 -3.13
CA LEU C 49 0.51 25.93 -1.67
C LEU C 49 -0.19 27.08 -0.95
N MET C 50 -0.05 28.33 -1.47
CA MET C 50 -0.61 29.52 -0.82
C MET C 50 -2.14 29.53 -0.87
N LYS C 51 -2.73 29.25 -2.04
CA LYS C 51 -4.19 29.13 -2.25
C LYS C 51 -4.74 28.10 -1.27
N ARG C 52 -4.03 26.96 -1.12
CA ARG C 52 -4.42 25.88 -0.22
C ARG C 52 -4.38 26.31 1.24
N LEU C 53 -3.29 26.97 1.66
CA LEU C 53 -3.17 27.44 3.05
C LEU C 53 -4.15 28.58 3.36
N SER C 54 -4.45 29.45 2.37
CA SER C 54 -5.42 30.55 2.51
C SER C 54 -6.82 29.97 2.84
N SER C 55 -7.27 28.98 2.04
CA SER C 55 -8.56 28.29 2.21
C SER C 55 -8.69 27.57 3.56
N LEU C 56 -7.59 27.47 4.33
CA LEU C 56 -7.57 26.85 5.67
C LEU C 56 -7.74 27.94 6.76
N GLY C 57 -7.85 29.19 6.33
CA GLY C 57 -8.01 30.33 7.23
C GLY C 57 -6.70 30.75 7.89
N CYS C 58 -5.57 30.47 7.21
CA CYS C 58 -4.23 30.82 7.68
C CYS C 58 -3.94 32.28 7.32
N HIS C 59 -3.29 33.01 8.23
CA HIS C 59 -2.84 34.38 7.94
C HIS C 59 -1.41 34.19 7.38
N LEU C 60 -1.24 34.49 6.09
CA LEU C 60 0.00 34.21 5.35
C LEU C 60 0.95 35.34 5.07
N LYS C 61 2.25 35.01 5.22
CA LYS C 61 3.38 35.86 4.86
C LYS C 61 4.34 35.00 4.07
N ASP C 62 4.54 35.36 2.81
CA ASP C 62 5.48 34.69 1.95
C ASP C 62 6.73 35.59 1.85
N PHE C 63 7.90 35.06 2.30
CA PHE C 63 9.17 35.77 2.19
C PHE C 63 9.74 35.60 0.77
N GLY C 64 9.09 34.75 -0.01
CA GLY C 64 9.52 34.40 -1.35
C GLY C 64 10.72 33.47 -1.25
N ASP C 65 11.54 33.43 -2.30
CA ASP C 65 12.75 32.61 -2.33
C ASP C 65 13.96 33.42 -1.88
N LEU C 66 14.53 33.07 -0.72
CA LEU C 66 15.72 33.73 -0.17
C LEU C 66 16.90 33.62 -1.12
N SER C 67 17.67 34.72 -1.25
CA SER C 67 18.88 34.75 -2.06
C SER C 67 20.05 34.65 -1.09
N PHE C 68 20.63 33.44 -0.98
CA PHE C 68 21.75 33.16 -0.09
C PHE C 68 23.06 33.68 -0.70
N THR C 69 23.92 34.26 0.15
CA THR C 69 25.23 34.83 -0.25
C THR C 69 26.16 33.72 -0.79
N PRO C 70 26.55 33.77 -2.08
CA PRO C 70 27.42 32.71 -2.62
C PRO C 70 28.88 32.84 -2.19
N VAL C 71 29.54 31.68 -1.99
CA VAL C 71 30.95 31.55 -1.61
C VAL C 71 31.67 30.92 -2.82
N PRO C 72 32.32 31.72 -3.71
CA PRO C 72 32.98 31.14 -4.88
C PRO C 72 34.18 30.24 -4.56
N LYS C 73 34.97 30.58 -3.52
CA LYS C 73 36.12 29.79 -3.08
C LYS C 73 35.69 28.97 -1.85
N ASP C 74 35.33 27.69 -2.08
CA ASP C 74 34.88 26.78 -1.03
C ASP C 74 35.46 25.39 -1.26
N ASP C 75 36.65 25.13 -0.67
CA ASP C 75 37.36 23.85 -0.79
C ASP C 75 36.83 22.80 0.17
N LEU C 76 36.88 21.53 -0.26
CA LEU C 76 36.40 20.38 0.51
C LEU C 76 37.25 20.08 1.76
N TYR C 77 36.57 20.02 2.91
CA TYR C 77 37.14 19.76 4.24
C TYR C 77 37.48 18.28 4.39
N ASN C 78 38.75 17.97 4.80
CA ASN C 78 39.32 16.63 5.00
C ASN C 78 39.12 15.70 3.78
N ASN C 79 39.27 16.27 2.56
CA ASN C 79 39.15 15.60 1.26
C ASN C 79 37.84 14.76 1.10
N LEU C 80 36.75 15.18 1.78
CA LEU C 80 35.46 14.49 1.78
C LEU C 80 34.24 15.43 1.77
N ILE C 81 34.10 16.28 2.85
CA ILE C 81 32.98 17.23 3.05
C ILE C 81 32.90 18.29 1.94
N VAL C 82 31.95 18.12 1.03
CA VAL C 82 31.73 19.00 -0.13
C VAL C 82 30.92 20.25 0.29
N ASN C 83 31.28 21.42 -0.28
CA ASN C 83 30.67 22.75 -0.06
C ASN C 83 30.38 23.09 1.43
N PRO C 84 31.34 23.06 2.38
CA PRO C 84 30.97 23.35 3.78
C PRO C 84 30.67 24.82 4.09
N ARG C 85 31.43 25.78 3.51
CA ARG C 85 31.22 27.20 3.77
C ARG C 85 29.90 27.70 3.21
N SER C 86 29.57 27.31 1.96
CA SER C 86 28.32 27.62 1.27
C SER C 86 27.11 27.15 2.10
N VAL C 87 27.17 25.92 2.65
CA VAL C 87 26.13 25.31 3.47
C VAL C 87 26.04 26.00 4.84
N GLY C 88 27.18 26.23 5.48
CA GLY C 88 27.25 26.85 6.80
C GLY C 88 26.75 28.28 6.87
N LEU C 89 27.00 29.05 5.79
CA LEU C 89 26.61 30.46 5.72
C LEU C 89 25.14 30.60 5.38
N ALA C 90 24.67 29.92 4.32
CA ALA C 90 23.26 29.94 3.89
C ALA C 90 22.35 29.53 5.05
N ASN C 91 22.81 28.59 5.90
CA ASN C 91 22.09 28.15 7.08
C ASN C 91 22.12 29.20 8.18
N GLN C 92 23.17 30.04 8.22
CA GLN C 92 23.26 31.12 9.21
C GLN C 92 22.29 32.21 8.82
N GLU C 93 22.15 32.46 7.50
CA GLU C 93 21.23 33.45 6.91
C GLU C 93 19.78 33.00 7.13
N LEU C 94 19.53 31.68 6.98
CA LEU C 94 18.22 31.06 7.15
C LEU C 94 17.79 31.10 8.62
N ALA C 95 18.72 30.82 9.55
CA ALA C 95 18.45 30.85 10.98
C ALA C 95 17.98 32.25 11.44
N GLU C 96 18.52 33.33 10.82
CA GLU C 96 18.12 34.72 11.14
C GLU C 96 16.66 34.97 10.72
N VAL C 97 16.30 34.62 9.45
CA VAL C 97 14.96 34.75 8.89
C VAL C 97 13.92 33.94 9.70
N VAL C 98 14.24 32.67 10.04
CA VAL C 98 13.42 31.74 10.83
C VAL C 98 13.21 32.30 12.22
N SER C 99 14.27 32.88 12.83
CA SER C 99 14.20 33.50 14.15
C SER C 99 13.31 34.73 14.13
N ARG C 100 13.30 35.48 13.00
CA ARG C 100 12.49 36.69 12.81
C ARG C 100 11.02 36.31 12.60
N ALA C 101 10.74 35.25 11.81
CA ALA C 101 9.38 34.76 11.56
C ALA C 101 8.77 34.20 12.84
N VAL C 102 9.53 33.42 13.62
CA VAL C 102 9.09 32.85 14.91
C VAL C 102 8.83 34.01 15.88
N SER C 103 9.65 35.08 15.79
CA SER C 103 9.57 36.32 16.58
C SER C 103 8.25 37.07 16.29
N ASP C 104 7.93 37.27 15.00
CA ASP C 104 6.74 37.94 14.46
C ASP C 104 5.42 37.19 14.70
N GLY C 105 5.45 36.11 15.49
CA GLY C 105 4.29 35.30 15.82
C GLY C 105 4.05 34.07 14.94
N TYR C 106 4.51 34.13 13.66
CA TYR C 106 4.35 33.10 12.64
C TYR C 106 4.89 31.68 12.95
N SER C 107 4.16 30.65 12.48
CA SER C 107 4.54 29.23 12.49
C SER C 107 5.39 29.16 11.25
N CYS C 108 6.62 28.68 11.39
CA CYS C 108 7.51 28.78 10.24
C CYS C 108 7.55 27.55 9.36
N VAL C 109 7.32 27.74 8.04
CA VAL C 109 7.31 26.73 7.00
C VAL C 109 8.48 27.02 6.08
N THR C 110 9.46 26.10 6.02
CA THR C 110 10.61 26.28 5.13
C THR C 110 10.57 25.29 4.00
N LEU C 111 10.56 25.79 2.78
CA LEU C 111 10.53 24.97 1.59
C LEU C 111 11.95 24.73 1.13
N GLY C 112 12.30 23.46 0.93
CA GLY C 112 13.62 23.05 0.44
C GLY C 112 13.67 22.85 -1.06
N GLY C 113 14.86 22.68 -1.65
CA GLY C 113 16.16 22.66 -0.97
C GLY C 113 16.44 21.33 -0.30
N ASP C 114 17.74 20.95 -0.19
CA ASP C 114 18.12 19.69 0.45
C ASP C 114 17.96 19.81 1.93
N HIS C 115 18.05 18.69 2.67
CA HIS C 115 17.86 18.64 4.12
C HIS C 115 18.95 19.28 4.98
N SER C 116 20.02 19.86 4.39
CA SER C 116 21.01 20.52 5.27
C SER C 116 20.42 21.80 5.84
N LEU C 117 19.39 22.35 5.16
CA LEU C 117 18.70 23.57 5.58
C LEU C 117 18.01 23.43 6.94
N ALA C 118 17.86 22.19 7.47
CA ALA C 118 17.33 21.94 8.81
C ALA C 118 18.31 22.44 9.89
N ILE C 119 19.61 22.63 9.53
CA ILE C 119 20.58 23.16 10.50
C ILE C 119 20.10 24.58 10.85
N GLY C 120 19.79 25.38 9.84
CA GLY C 120 19.30 26.76 9.97
C GLY C 120 17.94 26.88 10.65
N THR C 121 16.92 26.18 10.08
CA THR C 121 15.54 26.19 10.59
C THR C 121 15.46 25.76 12.05
N ILE C 122 16.14 24.68 12.45
CA ILE C 122 16.11 24.23 13.85
C ILE C 122 16.91 25.21 14.73
N SER C 123 18.00 25.81 14.17
CA SER C 123 18.82 26.79 14.90
C SER C 123 18.01 28.02 15.23
N GLY C 124 17.44 28.65 14.20
CA GLY C 124 16.58 29.82 14.33
C GLY C 124 15.45 29.60 15.31
N HIS C 125 14.72 28.49 15.15
CA HIS C 125 13.58 28.12 15.98
C HIS C 125 13.94 27.94 17.47
N ALA C 126 15.06 27.26 17.76
CA ALA C 126 15.51 26.99 19.15
C ALA C 126 15.92 28.25 19.94
N ARG C 127 16.22 29.36 19.25
CA ARG C 127 16.56 30.64 19.88
C ARG C 127 15.40 31.17 20.75
N HIS C 128 14.17 31.06 20.23
CA HIS C 128 12.95 31.45 20.93
C HIS C 128 12.24 30.29 21.64
N CYS C 129 12.48 29.01 21.20
CA CYS C 129 11.88 27.82 21.82
C CYS C 129 12.92 26.82 22.37
N PRO C 130 13.66 27.14 23.45
CA PRO C 130 14.65 26.18 23.97
C PRO C 130 14.07 24.84 24.40
N ASP C 131 12.74 24.72 24.52
CA ASP C 131 12.10 23.47 24.92
C ASP C 131 11.44 22.74 23.73
N LEU C 132 11.75 23.17 22.49
CA LEU C 132 11.20 22.53 21.32
C LEU C 132 11.56 21.03 21.23
N CYS C 133 10.76 20.26 20.51
CA CYS C 133 11.03 18.87 20.25
C CYS C 133 10.90 18.69 18.76
N VAL C 134 11.62 17.70 18.21
CA VAL C 134 11.66 17.49 16.77
C VAL C 134 11.08 16.15 16.40
N VAL C 135 10.26 16.17 15.33
CA VAL C 135 9.73 14.99 14.72
C VAL C 135 10.36 15.02 13.36
N TRP C 136 11.32 14.10 13.17
CA TRP C 136 12.08 14.01 11.93
C TRP C 136 11.47 12.88 11.09
N VAL C 137 10.87 13.21 9.94
CA VAL C 137 10.18 12.23 9.12
C VAL C 137 11.00 12.04 7.90
N ASP C 138 11.61 10.84 7.78
CA ASP C 138 12.59 10.56 6.72
C ASP C 138 12.87 9.07 6.60
N ALA C 139 13.32 8.68 5.40
CA ALA C 139 13.83 7.34 5.07
C ALA C 139 15.19 7.11 5.78
N HIS C 140 15.88 8.21 6.08
CA HIS C 140 17.22 8.26 6.64
C HIS C 140 17.27 9.02 7.93
N ALA C 141 18.28 8.70 8.76
CA ALA C 141 18.52 9.32 10.06
C ALA C 141 19.33 10.64 9.97
N ASP C 142 19.91 10.98 8.80
CA ASP C 142 20.63 12.25 8.56
C ASP C 142 21.55 12.70 9.73
N ILE C 143 22.10 11.72 10.49
CA ILE C 143 22.88 11.94 11.72
C ILE C 143 24.38 11.48 11.59
N ASN C 144 24.92 11.41 10.35
CA ASN C 144 26.34 11.09 10.19
C ASN C 144 27.13 12.30 10.68
N THR C 145 28.21 12.08 11.44
CA THR C 145 29.09 13.18 11.84
C THR C 145 30.02 13.43 10.63
N PRO C 146 30.69 14.59 10.49
CA PRO C 146 31.62 14.79 9.36
C PRO C 146 32.76 13.77 9.27
N LEU C 147 32.97 12.98 10.35
CA LEU C 147 33.98 11.92 10.42
C LEU C 147 33.42 10.52 10.12
N THR C 148 32.06 10.36 10.06
CA THR C 148 31.47 9.06 9.72
C THR C 148 30.91 9.01 8.30
N THR C 149 30.59 10.16 7.71
CA THR C 149 30.02 10.23 6.36
C THR C 149 30.91 9.56 5.31
N SER C 150 30.29 8.96 4.27
CA SER C 150 30.97 8.28 3.16
C SER C 150 30.74 9.10 1.90
N SER C 151 29.58 9.76 1.80
CA SER C 151 29.19 10.59 0.65
C SER C 151 29.85 11.98 0.67
N GLY C 152 30.02 12.52 1.87
CA GLY C 152 30.52 13.88 2.06
C GLY C 152 29.44 14.92 1.89
N ASN C 153 28.21 14.50 1.52
CA ASN C 153 27.04 15.35 1.32
C ASN C 153 26.46 15.72 2.68
N LEU C 154 26.45 17.03 2.98
CA LEU C 154 26.02 17.56 4.27
C LEU C 154 24.54 17.32 4.59
N HIS C 155 23.69 17.07 3.56
CA HIS C 155 22.27 16.76 3.79
C HIS C 155 22.07 15.43 4.57
N GLY C 156 23.15 14.66 4.76
CA GLY C 156 23.14 13.36 5.45
C GLY C 156 23.76 13.44 6.81
N GLN C 157 24.05 14.67 7.24
CA GLN C 157 24.69 15.00 8.51
C GLN C 157 23.96 16.08 9.40
N PRO C 158 22.79 16.71 9.03
CA PRO C 158 22.28 17.86 9.84
C PRO C 158 22.10 17.65 11.34
N VAL C 159 21.67 16.46 11.74
CA VAL C 159 21.40 16.18 13.13
C VAL C 159 22.67 16.10 13.98
N SER C 160 23.86 15.81 13.39
CA SER C 160 25.08 15.71 14.20
C SER C 160 25.42 17.03 14.88
N PHE C 161 25.35 18.12 14.10
CA PHE C 161 25.63 19.50 14.50
C PHE C 161 24.65 20.06 15.53
N LEU C 162 23.38 19.59 15.52
CA LEU C 162 22.34 20.09 16.43
C LEU C 162 22.26 19.32 17.71
N LEU C 163 22.66 18.05 17.70
CA LEU C 163 22.56 17.19 18.87
C LEU C 163 23.62 17.49 19.95
N ARG C 164 23.14 17.85 21.16
CA ARG C 164 23.95 18.18 22.33
C ARG C 164 24.94 17.09 22.72
N GLU C 165 24.46 15.84 22.88
CA GLU C 165 25.24 14.68 23.29
C GLU C 165 26.35 14.26 22.31
N LEU C 166 26.29 14.72 21.05
CA LEU C 166 27.25 14.39 19.99
C LEU C 166 28.37 15.40 19.78
N GLN C 167 28.37 16.51 20.57
CA GLN C 167 29.34 17.62 20.46
C GLN C 167 30.81 17.19 20.42
N ASP C 168 31.22 16.28 21.33
CA ASP C 168 32.61 15.80 21.40
C ASP C 168 33.06 14.90 20.21
N LYS C 169 32.12 14.51 19.31
CA LYS C 169 32.43 13.69 18.13
C LYS C 169 32.27 14.50 16.83
N VAL C 170 31.90 15.77 16.94
CA VAL C 170 31.72 16.63 15.77
C VAL C 170 32.85 17.65 15.64
N PRO C 171 33.64 17.61 14.53
CA PRO C 171 34.70 18.60 14.36
C PRO C 171 34.17 19.92 13.84
N GLN C 172 34.82 21.04 14.23
CA GLN C 172 34.45 22.38 13.81
C GLN C 172 34.75 22.57 12.33
N LEU C 173 33.70 22.70 11.51
CA LEU C 173 33.80 22.88 10.06
C LEU C 173 33.87 24.35 9.70
N PRO C 174 34.45 24.74 8.53
CA PRO C 174 34.49 26.17 8.18
C PRO C 174 33.09 26.75 7.92
N GLY C 175 32.72 27.75 8.71
CA GLY C 175 31.44 28.44 8.63
C GLY C 175 30.33 27.77 9.42
N PHE C 176 30.72 26.96 10.43
CA PHE C 176 29.83 26.20 11.29
C PHE C 176 30.03 26.52 12.78
N SER C 177 30.86 27.54 13.09
CA SER C 177 31.16 27.95 14.48
C SER C 177 29.95 28.52 15.21
N TRP C 178 29.05 29.20 14.48
CA TRP C 178 27.82 29.83 15.00
C TRP C 178 26.81 28.84 15.58
N ILE C 179 26.88 27.56 15.14
CA ILE C 179 25.96 26.50 15.54
C ILE C 179 26.17 26.08 16.99
N LYS C 180 25.13 26.30 17.81
CA LYS C 180 25.14 25.89 19.20
C LYS C 180 24.24 24.64 19.28
N PRO C 181 24.78 23.46 19.68
CA PRO C 181 23.92 22.26 19.80
C PRO C 181 22.81 22.53 20.82
N CYS C 182 21.54 22.42 20.35
CA CYS C 182 20.33 22.77 21.12
C CYS C 182 19.41 21.60 21.45
N ILE C 183 19.29 20.62 20.55
CA ILE C 183 18.38 19.49 20.82
C ILE C 183 19.08 18.37 21.56
N SER C 184 18.45 17.88 22.63
CA SER C 184 18.95 16.74 23.38
C SER C 184 18.39 15.47 22.74
N SER C 185 19.09 14.34 22.94
CA SER C 185 18.72 13.04 22.38
C SER C 185 17.27 12.62 22.68
N ALA C 186 16.74 13.00 23.87
CA ALA C 186 15.38 12.70 24.31
C ALA C 186 14.29 13.55 23.63
N SER C 187 14.68 14.59 22.89
CA SER C 187 13.77 15.56 22.27
C SER C 187 13.69 15.47 20.76
N ILE C 188 14.20 14.35 20.19
CA ILE C 188 14.06 14.07 18.76
C ILE C 188 13.57 12.62 18.61
N VAL C 189 12.53 12.44 17.80
CA VAL C 189 11.97 11.13 17.49
C VAL C 189 11.97 11.05 15.96
N TYR C 190 12.50 9.94 15.39
CA TYR C 190 12.48 9.73 13.93
C TYR C 190 11.28 8.89 13.53
N ILE C 191 10.74 9.09 12.31
CA ILE C 191 9.66 8.27 11.75
C ILE C 191 9.93 8.00 10.29
N GLY C 192 9.90 6.73 9.91
CA GLY C 192 10.03 6.31 8.50
C GLY C 192 11.33 5.66 8.06
N LEU C 193 12.27 5.51 9.00
CA LEU C 193 13.64 5.00 8.81
C LEU C 193 13.70 3.65 8.13
N ARG C 194 14.39 3.61 7.00
CA ARG C 194 14.57 2.37 6.24
C ARG C 194 15.96 2.25 5.60
N ASP C 195 16.74 3.36 5.58
CA ASP C 195 18.09 3.35 5.02
C ASP C 195 19.05 4.06 5.98
N VAL C 196 19.53 3.32 7.00
CA VAL C 196 20.38 3.78 8.09
C VAL C 196 21.82 3.21 7.98
N ASP C 197 22.83 4.10 7.89
CA ASP C 197 24.26 3.73 7.82
C ASP C 197 24.75 3.08 9.10
N PRO C 198 25.74 2.13 9.06
CA PRO C 198 26.25 1.53 10.30
C PRO C 198 26.65 2.55 11.38
N PRO C 199 27.35 3.69 11.09
CA PRO C 199 27.63 4.65 12.16
C PRO C 199 26.37 5.34 12.70
N GLU C 200 25.39 5.64 11.78
CA GLU C 200 24.09 6.24 12.13
C GLU C 200 23.33 5.33 13.07
N HIS C 201 23.31 3.99 12.81
CA HIS C 201 22.66 3.04 13.72
C HIS C 201 23.33 3.03 15.08
N PHE C 202 24.68 3.12 15.11
CA PHE C 202 25.46 3.15 16.35
C PHE C 202 25.06 4.36 17.22
N ILE C 203 24.96 5.54 16.59
CA ILE C 203 24.57 6.80 17.26
C ILE C 203 23.19 6.65 17.90
N LEU C 204 22.20 6.24 17.08
CA LEU C 204 20.81 6.03 17.52
C LEU C 204 20.73 5.16 18.73
N LYS C 205 21.36 3.98 18.71
CA LYS C 205 21.32 3.03 19.85
C LYS C 205 22.13 3.46 21.06
N ASN C 206 23.33 4.02 20.86
CA ASN C 206 24.19 4.38 21.99
C ASN C 206 23.79 5.68 22.67
N TYR C 207 23.20 6.64 21.92
CA TYR C 207 22.73 7.90 22.52
C TYR C 207 21.24 7.89 22.92
N ASP C 208 20.57 6.70 22.82
CA ASP C 208 19.14 6.48 23.15
C ASP C 208 18.18 7.35 22.36
N ILE C 209 18.46 7.56 21.07
CA ILE C 209 17.58 8.35 20.22
C ILE C 209 16.45 7.42 19.75
N GLN C 210 15.20 7.77 20.14
CA GLN C 210 14.03 6.95 19.83
C GLN C 210 13.61 7.13 18.40
N TYR C 211 13.22 6.02 17.77
CA TYR C 211 12.79 6.02 16.38
C TYR C 211 11.75 4.97 16.08
N PHE C 212 11.02 5.22 14.99
CA PHE C 212 10.01 4.31 14.48
C PHE C 212 10.36 4.08 13.04
N SER C 213 11.09 2.98 12.78
CA SER C 213 11.47 2.56 11.42
C SER C 213 10.24 2.12 10.65
N MET C 214 10.41 1.77 9.37
CA MET C 214 9.29 1.26 8.59
C MET C 214 8.82 -0.05 9.20
N ARG C 215 9.74 -0.79 9.85
CA ARG C 215 9.43 -2.05 10.50
C ARG C 215 8.57 -1.79 11.75
N ASP C 216 8.88 -0.75 12.57
CA ASP C 216 8.04 -0.42 13.74
C ASP C 216 6.61 -0.04 13.28
N ILE C 217 6.50 0.68 12.15
CA ILE C 217 5.22 1.07 11.54
C ILE C 217 4.46 -0.18 11.07
N ASP C 218 5.18 -1.18 10.48
CA ASP C 218 4.59 -2.43 10.01
C ASP C 218 3.95 -3.18 11.15
N ARG C 219 4.59 -3.18 12.30
CA ARG C 219 4.12 -3.86 13.51
C ARG C 219 3.03 -3.08 14.27
N LEU C 220 3.33 -1.82 14.64
CA LEU C 220 2.42 -0.98 15.44
C LEU C 220 1.29 -0.30 14.68
N GLY C 221 1.56 0.08 13.44
CA GLY C 221 0.61 0.86 12.65
C GLY C 221 0.88 2.32 12.91
N ILE C 222 0.57 3.19 11.96
CA ILE C 222 0.89 4.59 12.14
C ILE C 222 0.18 5.28 13.38
N GLN C 223 -1.02 4.82 13.81
CA GLN C 223 -1.72 5.38 14.98
C GLN C 223 -0.88 5.27 16.24
N LYS C 224 -0.50 4.03 16.59
CA LYS C 224 0.33 3.73 17.77
C LYS C 224 1.70 4.39 17.68
N VAL C 225 2.29 4.53 16.47
CA VAL C 225 3.56 5.24 16.27
C VAL C 225 3.40 6.72 16.76
N MET C 226 2.35 7.43 16.30
CA MET C 226 2.08 8.83 16.67
C MET C 226 1.80 8.97 18.15
N GLU C 227 1.08 8.01 18.72
CA GLU C 227 0.76 8.00 20.14
C GLU C 227 2.05 7.93 20.93
N ARG C 228 2.94 6.97 20.61
CA ARG C 228 4.21 6.78 21.30
C ARG C 228 5.17 7.94 21.07
N THR C 229 5.15 8.54 19.86
CA THR C 229 5.99 9.69 19.54
C THR C 229 5.69 10.85 20.52
N PHE C 230 4.40 11.21 20.66
CA PHE C 230 3.93 12.26 21.56
C PHE C 230 4.12 11.89 23.03
N ASP C 231 4.03 10.61 23.37
CA ASP C 231 4.27 10.18 24.76
C ASP C 231 5.72 10.41 25.21
N LEU C 232 6.68 10.31 24.26
CA LEU C 232 8.09 10.49 24.56
C LEU C 232 8.43 11.94 24.59
N LEU C 233 7.88 12.71 23.63
CA LEU C 233 8.19 14.12 23.47
C LEU C 233 7.35 15.05 24.38
N ILE C 234 6.01 14.98 24.29
CA ILE C 234 5.10 15.87 25.04
C ILE C 234 4.30 15.14 26.11
N GLY C 235 4.81 14.01 26.59
CA GLY C 235 4.13 13.22 27.62
C GLY C 235 4.24 13.76 29.05
N LYS C 236 5.22 14.64 29.29
CA LYS C 236 5.44 15.23 30.62
C LYS C 236 4.90 16.63 30.68
N ARG C 237 4.92 17.34 29.55
CA ARG C 237 4.44 18.71 29.41
C ARG C 237 4.30 19.07 27.93
N GLN C 238 3.59 20.17 27.62
CA GLN C 238 3.43 20.69 26.25
C GLN C 238 4.71 21.41 25.86
N ARG C 239 5.08 21.32 24.58
CA ARG C 239 6.33 21.89 24.08
C ARG C 239 6.13 22.28 22.63
N PRO C 240 6.91 23.22 22.06
CA PRO C 240 6.77 23.55 20.63
C PRO C 240 7.29 22.39 19.77
N ILE C 241 6.67 22.15 18.60
CA ILE C 241 7.03 21.04 17.74
C ILE C 241 7.66 21.53 16.47
N HIS C 242 8.82 20.95 16.14
CA HIS C 242 9.49 21.21 14.87
C HIS C 242 9.32 19.91 14.06
N LEU C 243 8.61 19.99 12.93
CA LEU C 243 8.36 18.82 12.12
C LEU C 243 9.27 18.99 10.93
N SER C 244 10.33 18.17 10.86
CA SER C 244 11.29 18.23 9.75
C SER C 244 10.96 17.05 8.86
N PHE C 245 10.37 17.33 7.67
CA PHE C 245 9.82 16.31 6.79
C PHE C 245 10.52 16.17 5.48
N ASP C 246 11.24 15.05 5.29
CA ASP C 246 11.94 14.78 4.04
C ASP C 246 10.95 14.06 3.16
N ILE C 247 10.71 14.58 1.95
CA ILE C 247 9.75 13.96 1.04
C ILE C 247 10.07 12.47 0.74
N ASP C 248 11.36 12.06 0.86
CA ASP C 248 11.81 10.68 0.59
C ASP C 248 11.33 9.69 1.66
N ALA C 249 10.65 10.17 2.73
CA ALA C 249 10.06 9.31 3.76
C ALA C 249 8.92 8.50 3.09
N PHE C 250 8.34 9.06 2.01
CA PHE C 250 7.29 8.42 1.23
C PHE C 250 7.90 7.53 0.22
N ASP C 251 7.19 6.45 -0.09
CA ASP C 251 7.60 5.49 -1.10
C ASP C 251 7.88 6.22 -2.40
N PRO C 252 8.97 5.87 -3.11
CA PRO C 252 9.26 6.56 -4.39
C PRO C 252 8.13 6.50 -5.43
N THR C 253 7.15 5.57 -5.31
CA THR C 253 6.00 5.53 -6.24
C THR C 253 5.13 6.79 -6.07
N LEU C 254 5.04 7.30 -4.82
CA LEU C 254 4.29 8.50 -4.45
C LEU C 254 5.17 9.76 -4.55
N ALA C 255 6.45 9.67 -4.11
CA ALA C 255 7.40 10.77 -4.16
C ALA C 255 8.63 10.46 -5.04
N PRO C 256 8.47 10.35 -6.39
CA PRO C 256 9.62 10.03 -7.24
C PRO C 256 10.66 11.13 -7.44
N ALA C 257 10.22 12.40 -7.49
CA ALA C 257 11.09 13.54 -7.75
C ALA C 257 11.87 13.98 -6.53
N THR C 258 12.78 13.11 -6.07
CA THR C 258 13.68 13.28 -4.93
C THR C 258 15.06 12.66 -5.22
N GLY C 259 16.09 13.15 -4.54
CA GLY C 259 17.49 12.76 -4.71
C GLY C 259 17.88 11.38 -4.24
N THR C 260 17.42 10.97 -3.04
CA THR C 260 17.81 9.67 -2.51
C THR C 260 16.55 8.78 -2.20
N PRO C 261 15.92 8.18 -3.24
CA PRO C 261 14.70 7.37 -3.01
C PRO C 261 15.02 5.99 -2.46
N VAL C 262 14.23 5.52 -1.49
CA VAL C 262 14.40 4.20 -0.87
C VAL C 262 13.02 3.50 -0.91
N VAL C 263 12.96 2.28 -1.50
CA VAL C 263 11.73 1.48 -1.66
C VAL C 263 11.21 1.09 -0.27
N GLY C 264 9.88 0.94 -0.18
CA GLY C 264 9.14 0.51 1.00
C GLY C 264 8.91 1.61 2.02
N GLY C 265 8.52 2.76 1.53
CA GLY C 265 8.27 3.94 2.37
C GLY C 265 6.86 4.09 2.89
N LEU C 266 6.59 5.30 3.41
CA LEU C 266 5.26 5.64 3.93
C LEU C 266 4.29 5.68 2.79
N THR C 267 3.06 5.25 3.04
CA THR C 267 2.04 5.41 2.00
C THR C 267 1.54 6.87 2.13
N TYR C 268 0.71 7.33 1.21
CA TYR C 268 0.11 8.66 1.24
C TYR C 268 -0.69 8.81 2.54
N ARG C 269 -1.44 7.76 2.88
CA ARG C 269 -2.31 7.74 4.03
C ARG C 269 -1.56 7.88 5.34
N GLU C 270 -0.45 7.14 5.48
CA GLU C 270 0.42 7.24 6.66
C GLU C 270 1.03 8.62 6.80
N GLY C 271 1.41 9.23 5.69
CA GLY C 271 2.00 10.56 5.71
C GLY C 271 1.01 11.60 6.13
N MET C 272 -0.25 11.50 5.66
CA MET C 272 -1.33 12.43 6.00
C MET C 272 -1.66 12.29 7.45
N TYR C 273 -1.65 11.07 7.96
CA TYR C 273 -1.92 10.74 9.36
C TYR C 273 -0.90 11.35 10.34
N ILE C 274 0.41 11.32 9.96
CA ILE C 274 1.51 11.91 10.73
C ILE C 274 1.17 13.39 10.87
N ALA C 275 0.93 14.07 9.73
CA ALA C 275 0.63 15.48 9.62
C ALA C 275 -0.62 15.87 10.41
N GLU C 276 -1.72 15.08 10.27
CA GLU C 276 -2.99 15.33 10.98
C GLU C 276 -2.80 15.23 12.46
N GLU C 277 -2.03 14.23 12.91
CA GLU C 277 -1.79 14.09 14.34
C GLU C 277 -0.96 15.24 14.91
N ILE C 278 0.02 15.76 14.11
CA ILE C 278 0.85 16.92 14.45
C ILE C 278 -0.09 18.12 14.62
N HIS C 279 -0.99 18.34 13.66
CA HIS C 279 -1.99 19.40 13.74
C HIS C 279 -2.84 19.28 15.01
N ASN C 280 -3.40 18.09 15.29
CA ASN C 280 -4.25 17.83 16.46
C ASN C 280 -3.61 18.18 17.81
N THR C 281 -2.28 18.31 17.88
CA THR C 281 -1.60 18.69 19.13
C THR C 281 -1.84 20.17 19.38
N GLY C 282 -1.88 20.94 18.31
CA GLY C 282 -2.02 22.38 18.34
C GLY C 282 -0.69 23.01 18.76
N LEU C 283 0.41 22.23 18.62
CA LEU C 283 1.75 22.61 19.04
C LEU C 283 2.74 22.82 17.92
N LEU C 284 2.36 22.59 16.65
CA LEU C 284 3.30 22.81 15.55
C LEU C 284 3.75 24.26 15.54
N SER C 285 5.08 24.48 15.66
CA SER C 285 5.71 25.81 15.68
C SER C 285 6.57 26.11 14.45
N ALA C 286 7.10 25.05 13.79
CA ALA C 286 7.92 25.15 12.58
C ALA C 286 7.90 23.80 11.83
N LEU C 287 7.99 23.85 10.50
CA LEU C 287 7.91 22.69 9.63
C LEU C 287 8.88 22.86 8.47
N ASP C 288 9.59 21.76 8.12
CA ASP C 288 10.47 21.74 6.94
C ASP C 288 9.92 20.78 5.93
N LEU C 289 9.83 21.19 4.66
CA LEU C 289 9.43 20.28 3.61
C LEU C 289 10.59 20.33 2.63
N VAL C 290 11.45 19.32 2.74
CA VAL C 290 12.70 19.29 1.96
C VAL C 290 12.77 18.19 0.94
N GLU C 291 13.78 18.32 0.05
CA GLU C 291 14.24 17.33 -0.91
C GLU C 291 13.33 17.09 -2.10
N VAL C 292 12.46 18.04 -2.43
CA VAL C 292 11.66 17.93 -3.64
C VAL C 292 12.55 18.46 -4.75
N ASN C 293 12.90 17.59 -5.69
CA ASN C 293 13.75 17.92 -6.82
C ASN C 293 12.97 17.64 -8.10
N PRO C 294 12.38 18.69 -8.72
CA PRO C 294 11.56 18.48 -9.93
C PRO C 294 12.28 17.88 -11.14
N GLN C 295 13.59 18.15 -11.27
CA GLN C 295 14.44 17.67 -12.37
C GLN C 295 14.53 16.14 -12.48
N LEU C 296 14.61 15.45 -11.33
CA LEU C 296 14.78 14.00 -11.25
C LEU C 296 13.55 13.17 -11.61
N ALA C 297 12.44 13.82 -12.00
CA ALA C 297 11.24 13.14 -12.44
C ALA C 297 11.38 12.79 -13.92
N THR C 298 10.97 11.58 -14.29
CA THR C 298 11.06 11.07 -15.67
C THR C 298 10.05 11.76 -16.61
N SER C 299 8.91 12.21 -16.07
CA SER C 299 7.85 12.89 -16.81
C SER C 299 7.34 14.12 -16.04
N GLU C 300 6.48 14.95 -16.67
CA GLU C 300 5.90 16.14 -16.05
C GLU C 300 4.92 15.78 -14.94
N GLU C 301 4.21 14.63 -15.07
CA GLU C 301 3.26 14.19 -14.06
C GLU C 301 3.94 13.71 -12.78
N GLU C 302 5.14 13.10 -12.88
CA GLU C 302 5.91 12.62 -11.73
C GLU C 302 6.45 13.80 -10.88
N ALA C 303 6.76 14.93 -11.54
CA ALA C 303 7.24 16.15 -10.88
C ALA C 303 6.09 16.82 -10.13
N LYS C 304 4.90 16.85 -10.77
CA LYS C 304 3.68 17.44 -10.22
C LYS C 304 3.09 16.56 -9.10
N THR C 305 3.19 15.22 -9.22
CA THR C 305 2.74 14.28 -8.20
C THR C 305 3.50 14.57 -6.89
N THR C 306 4.85 14.70 -6.97
CA THR C 306 5.70 14.99 -5.82
C THR C 306 5.37 16.34 -5.19
N ALA C 307 5.24 17.40 -6.01
CA ALA C 307 4.91 18.76 -5.58
C ALA C 307 3.50 18.81 -4.91
N ASN C 308 2.51 18.13 -5.52
CA ASN C 308 1.14 18.05 -4.97
C ASN C 308 1.15 17.34 -3.63
N LEU C 309 1.97 16.26 -3.50
CA LEU C 309 2.17 15.53 -2.24
C LEU C 309 2.75 16.44 -1.15
N ALA C 310 3.76 17.27 -1.49
CA ALA C 310 4.40 18.21 -0.57
C ALA C 310 3.38 19.25 -0.06
N VAL C 311 2.47 19.72 -0.96
CA VAL C 311 1.39 20.67 -0.60
C VAL C 311 0.39 20.03 0.36
N ASP C 312 0.06 18.74 0.14
CA ASP C 312 -0.86 17.95 0.97
C ASP C 312 -0.32 17.80 2.37
N VAL C 313 0.99 17.50 2.50
CA VAL C 313 1.66 17.38 3.80
C VAL C 313 1.58 18.69 4.60
N ILE C 314 2.00 19.81 3.99
CA ILE C 314 2.05 21.11 4.70
C ILE C 314 0.61 21.49 5.12
N ALA C 315 -0.33 21.47 4.17
CA ALA C 315 -1.76 21.75 4.39
C ALA C 315 -2.34 20.90 5.52
N SER C 316 -2.06 19.56 5.56
CA SER C 316 -2.55 18.69 6.64
C SER C 316 -1.92 19.01 7.98
N SER C 317 -0.67 19.49 7.98
CA SER C 317 -0.01 19.89 9.24
C SER C 317 -0.65 21.20 9.78
N PHE C 318 -1.37 21.94 8.93
CA PHE C 318 -2.08 23.18 9.30
C PHE C 318 -3.63 23.07 9.34
N GLY C 319 -4.15 21.85 9.45
CA GLY C 319 -5.58 21.66 9.59
C GLY C 319 -6.35 20.91 8.54
N GLN C 320 -5.82 20.79 7.29
CA GLN C 320 -6.50 20.03 6.26
C GLN C 320 -6.72 18.60 6.75
N THR C 321 -7.99 18.15 6.67
CA THR C 321 -8.42 16.82 7.12
C THR C 321 -8.98 16.06 5.93
N ARG C 322 -9.23 14.77 6.14
CA ARG C 322 -9.83 13.90 5.13
C ARG C 322 -11.31 13.69 5.49
N GLU C 323 -11.74 14.24 6.63
CA GLU C 323 -13.13 14.19 7.11
C GLU C 323 -13.86 15.50 6.86
N GLY C 324 -13.11 16.56 6.62
CA GLY C 324 -13.61 17.88 6.28
C GLY C 324 -13.99 18.86 7.37
N GLY C 325 -13.62 18.56 8.62
CA GLY C 325 -13.99 19.38 9.78
C GLY C 325 -13.07 20.52 10.21
N HIS C 326 -12.32 21.11 9.28
CA HIS C 326 -11.41 22.22 9.61
C HIS C 326 -12.10 23.59 9.61
N ILE C 327 -13.04 23.79 8.68
CA ILE C 327 -13.87 24.99 8.52
C ILE C 327 -15.07 24.86 9.48
N VAL C 328 -15.34 25.94 10.25
CA VAL C 328 -16.48 26.04 11.16
C VAL C 328 -17.76 26.11 10.30
N TYR C 329 -18.70 25.20 10.56
CA TYR C 329 -20.01 25.14 9.89
C TYR C 329 -20.99 24.66 10.94
N ASP C 330 -22.01 25.46 11.24
CA ASP C 330 -22.93 25.09 12.30
C ASP C 330 -24.41 25.38 11.99
N GLN C 331 -24.73 25.87 10.78
CA GLN C 331 -26.12 26.14 10.40
C GLN C 331 -26.42 25.75 8.96
N LEU C 332 -27.36 24.83 8.78
CA LEU C 332 -27.71 24.44 7.41
C LEU C 332 -28.66 25.44 6.79
N PRO C 333 -28.51 25.76 5.48
CA PRO C 333 -29.49 26.63 4.83
C PRO C 333 -30.84 25.90 4.73
N THR C 334 -31.96 26.65 4.80
CA THR C 334 -33.33 26.15 4.76
C THR C 334 -34.07 26.68 3.52
N PRO C 335 -34.88 25.85 2.80
CA PRO C 335 -35.49 26.32 1.54
C PRO C 335 -36.66 27.30 1.64
MN MN D . -20.25 9.06 -5.30
MN MN E . -16.95 9.76 -5.10
C1 A1H04 F . -14.43 20.75 -5.53
C2 A1H04 F . -12.67 20.14 -7.21
C3 A1H04 F . -13.85 19.62 -6.38
O5 A1H04 F . -14.09 16.11 -5.78
C7 A1H04 F . -14.51 17.25 -5.76
C12 A1H04 F . -16.86 16.51 -6.28
C13 A1H04 F . -19.61 13.00 -6.46
C14 A1H04 F . -19.53 18.08 -5.01
C15 A1H04 F . -18.29 17.48 -4.40
C16 A1H04 F . -17.77 16.20 -5.07
N4 A1H04 F . -12.15 17.96 -5.50
C6 A1H04 F . -13.56 18.40 -5.47
O8 A1H04 F . -18.95 11.03 -5.21
O9 A1H04 F . -20.29 10.63 -6.86
B10 A1H04 F . -19.25 11.43 -6.47
N11 A1H04 F . -15.82 17.52 -5.97
C17 A1H04 F . -18.91 15.24 -5.46
C18 A1H04 F . -18.42 13.89 -6.01
O19 A1H04 F . -19.52 18.46 -6.30
O20 A1H04 F . -20.53 18.23 -4.36
N21 A1H04 F . -18.51 17.31 -2.96
O22 A1H04 F . -18.18 11.20 -7.32
MN MN G . 4.81 -21.46 -6.35
MN MN H . 2.86 -18.79 -7.12
MN MN I . 16.64 13.93 5.09
MN MN J . 15.96 11.13 3.28
C1 A1H04 K . 24.55 5.60 -1.16
C2 A1H04 K . 22.85 4.43 -2.55
C3 A1H04 K . 23.07 5.56 -1.53
O5 A1H04 K . 20.43 6.93 0.05
C7 A1H04 K . 21.64 6.76 0.17
C12 A1H04 K . 22.08 9.06 1.12
C13 A1H04 K . 20.00 12.52 3.07
C14 A1H04 K . 24.49 9.77 3.35
C15 A1H04 K . 23.37 8.73 3.34
C16 A1H04 K . 22.07 9.22 2.65
N4 A1H04 K . 21.22 4.35 -0.29
C6 A1H04 K . 22.24 5.42 -0.24
O8 A1H04 K . 17.76 12.12 3.94
O9 A1H04 K . 18.24 14.23 3.41
B10 A1H04 K . 18.43 12.91 3.06
N11 A1H04 K . 22.47 7.70 0.68
C17 A1H04 K . 21.74 10.69 3.02
C18 A1H04 K . 20.24 11.01 2.91
O19 A1H04 K . 24.94 10.29 2.19
O20 A1H04 K . 24.96 10.18 4.41
N21 A1H04 K . 23.08 8.24 4.69
O22 A1H04 K . 17.88 12.78 1.81
#